data_3P1J
#
_entry.id   3P1J
#
_cell.length_a   132.472
_cell.length_b   132.472
_cell.length_c   84.161
_cell.angle_alpha   90.000
_cell.angle_beta   90.000
_cell.angle_gamma   120.000
#
_symmetry.space_group_name_H-M   'P 65'
#
loop_
_entity.id
_entity.type
_entity.pdbx_description
1 polymer 'GTPase IMAP family member 2'
2 non-polymer 'UNKNOWN ATOM OR ION'
#
_entity_poly.entity_id   1
_entity_poly.type   'polypeptide(L)'
_entity_poly.pdbx_seq_one_letter_code
;GSRSELRIILVGKTGTGKSAAGNSILRKQAFESKLGSQTLTKTCSKSQGSWGNREIVIIDTPDMFSWKDHCEALYKEVQR
CYLLSAPGPHVLLLVTQLGRYTSQDQQAAQRVKEIFGEDAMGHTIVLFTHKEDLNGGSLMDYMHDSDNKALSKLVAACGG
RICAFNNRAEGSNQDDQVKELMDCIEDLLMEKNGDHYTNGLYSLIQRSK
;
_entity_poly.pdbx_strand_id   A,B,C,D
#
# COMPACT_ATOMS: atom_id res chain seq x y z
N SER A 4 8.55 -3.30 -10.86
CA SER A 4 7.55 -4.35 -11.01
C SER A 4 7.96 -5.61 -10.21
N GLU A 5 8.34 -5.38 -8.93
CA GLU A 5 8.80 -6.45 -8.04
C GLU A 5 7.68 -7.38 -7.54
N LEU A 6 8.07 -8.64 -7.31
CA LEU A 6 7.24 -9.71 -6.79
C LEU A 6 7.80 -10.07 -5.40
N ARG A 7 7.01 -9.82 -4.34
CA ARG A 7 7.43 -10.05 -2.95
C ARG A 7 6.91 -11.40 -2.43
N ILE A 8 7.83 -12.25 -1.93
CA ILE A 8 7.53 -13.58 -1.40
C ILE A 8 7.97 -13.68 0.05
N ILE A 9 7.04 -14.03 0.96
CA ILE A 9 7.39 -14.29 2.36
C ILE A 9 7.48 -15.82 2.56
N LEU A 10 8.64 -16.29 3.12
CA LEU A 10 8.86 -17.71 3.42
C LEU A 10 8.49 -17.97 4.86
N VAL A 11 7.56 -18.90 5.07
CA VAL A 11 7.12 -19.30 6.41
C VAL A 11 7.16 -20.81 6.53
N GLY A 12 7.55 -21.31 7.68
CA GLY A 12 7.64 -22.73 7.95
C GLY A 12 8.45 -23.09 9.16
N LYS A 13 8.22 -24.34 9.65
CA LYS A 13 8.90 -24.89 10.81
C LYS A 13 10.36 -25.18 10.51
N THR A 14 11.13 -25.36 11.59
CA THR A 14 12.55 -25.71 11.54
C THR A 14 12.73 -27.06 10.82
N GLY A 15 13.63 -27.05 9.84
CA GLY A 15 14.07 -28.23 9.07
C GLY A 15 13.35 -28.56 7.78
N THR A 16 12.52 -27.63 7.27
CA THR A 16 11.71 -27.80 6.04
C THR A 16 12.48 -27.36 4.80
N GLY A 17 13.62 -26.71 5.00
CA GLY A 17 14.46 -26.23 3.91
C GLY A 17 13.95 -24.96 3.26
N LYS A 18 13.30 -24.13 4.08
CA LYS A 18 12.71 -22.85 3.77
C LYS A 18 13.75 -21.92 3.07
N SER A 19 14.88 -21.69 3.77
CA SER A 19 15.99 -20.85 3.26
C SER A 19 16.57 -21.39 1.95
N ALA A 20 16.72 -22.73 1.82
CA ALA A 20 17.20 -23.43 0.63
C ALA A 20 16.24 -23.26 -0.57
N ALA A 21 14.91 -23.21 -0.32
CA ALA A 21 13.92 -23.01 -1.38
C ALA A 21 14.02 -21.56 -1.91
N GLY A 22 14.26 -20.58 -1.01
CA GLY A 22 14.50 -19.18 -1.35
C GLY A 22 15.73 -19.01 -2.22
N ASN A 23 16.82 -19.74 -1.86
CA ASN A 23 18.08 -19.75 -2.63
C ASN A 23 17.89 -20.42 -3.99
N SER A 24 16.98 -21.39 -4.10
CA SER A 24 16.68 -22.05 -5.37
C SER A 24 15.93 -21.08 -6.28
N ILE A 25 14.90 -20.38 -5.76
CA ILE A 25 14.10 -19.40 -6.52
C ILE A 25 14.99 -18.28 -7.05
N LEU A 26 15.86 -17.70 -6.21
CA LEU A 26 16.76 -16.60 -6.60
C LEU A 26 18.01 -17.07 -7.37
N ARG A 27 18.27 -18.41 -7.35
CA ARG A 27 19.40 -19.10 -7.97
C ARG A 27 20.71 -18.47 -7.49
N LYS A 28 20.87 -18.36 -6.14
CA LYS A 28 22.05 -17.77 -5.47
C LYS A 28 22.00 -18.08 -3.97
N GLN A 29 23.14 -17.97 -3.26
CA GLN A 29 23.17 -18.19 -1.80
C GLN A 29 22.70 -16.92 -1.07
N ALA A 30 21.41 -16.59 -1.29
CA ALA A 30 20.71 -15.44 -0.74
C ALA A 30 20.52 -15.54 0.80
N PHE A 31 20.30 -16.77 1.31
CA PHE A 31 20.11 -17.07 2.72
C PHE A 31 20.96 -18.30 3.08
N THR A 39 21.96 -24.68 11.86
CA THR A 39 21.66 -23.40 12.54
C THR A 39 20.19 -22.92 12.37
N LEU A 40 19.65 -22.24 13.40
CA LEU A 40 18.30 -21.67 13.38
C LEU A 40 18.33 -20.32 12.71
N THR A 41 17.23 -19.96 12.01
CA THR A 41 17.03 -18.63 11.44
C THR A 41 16.43 -17.87 12.61
N LYS A 42 17.13 -16.88 13.11
CA LYS A 42 16.69 -16.09 14.26
C LYS A 42 16.08 -14.76 13.85
N THR A 43 16.46 -14.19 12.69
CA THR A 43 15.90 -12.92 12.22
C THR A 43 15.37 -13.02 10.78
N CYS A 44 14.61 -12.00 10.35
CA CYS A 44 14.10 -11.84 8.99
C CYS A 44 15.23 -11.39 8.13
N SER A 45 15.31 -11.91 6.93
CA SER A 45 16.30 -11.50 5.94
C SER A 45 15.54 -11.21 4.66
N LYS A 46 16.10 -10.33 3.83
CA LYS A 46 15.54 -9.93 2.57
C LYS A 46 16.61 -10.06 1.50
N SER A 47 16.29 -10.81 0.43
CA SER A 47 17.19 -10.94 -0.67
C SER A 47 16.44 -10.67 -1.96
N GLN A 48 17.10 -9.98 -2.88
CA GLN A 48 16.59 -9.60 -4.19
C GLN A 48 17.30 -10.39 -5.26
N GLY A 49 16.54 -10.78 -6.26
CA GLY A 49 17.06 -11.53 -7.40
C GLY A 49 16.10 -11.42 -8.54
N SER A 50 16.23 -12.35 -9.48
CA SER A 50 15.43 -12.41 -10.67
C SER A 50 15.11 -13.84 -11.09
N TRP A 51 14.09 -13.96 -11.92
CA TRP A 51 13.64 -15.18 -12.58
C TRP A 51 12.95 -14.68 -13.83
N GLY A 52 13.52 -15.02 -14.99
CA GLY A 52 13.02 -14.53 -16.26
C GLY A 52 13.04 -13.02 -16.27
N ASN A 53 11.92 -12.41 -16.71
CA ASN A 53 11.69 -10.97 -16.87
C ASN A 53 11.28 -10.30 -15.54
N ARG A 54 11.21 -11.11 -14.47
CA ARG A 54 10.69 -10.74 -13.16
C ARG A 54 11.75 -10.43 -12.09
N GLU A 55 11.49 -9.34 -11.32
CA GLU A 55 12.33 -8.90 -10.18
C GLU A 55 11.71 -9.55 -8.93
N ILE A 56 12.47 -10.41 -8.23
CA ILE A 56 11.94 -11.16 -7.10
C ILE A 56 12.58 -10.75 -5.80
N VAL A 57 11.75 -10.39 -4.83
CA VAL A 57 12.17 -10.01 -3.49
C VAL A 57 11.66 -11.11 -2.53
N ILE A 58 12.58 -11.72 -1.77
CA ILE A 58 12.19 -12.77 -0.85
C ILE A 58 12.51 -12.37 0.58
N ILE A 59 11.50 -12.51 1.46
CA ILE A 59 11.62 -12.23 2.88
C ILE A 59 11.58 -13.58 3.62
N ASP A 60 12.72 -14.02 4.15
CA ASP A 60 12.84 -15.23 4.95
C ASP A 60 12.48 -14.84 6.40
N THR A 61 11.73 -15.69 7.10
CA THR A 61 11.28 -15.40 8.47
C THR A 61 11.93 -16.34 9.51
N PRO A 62 11.99 -15.98 10.82
CA PRO A 62 12.60 -16.88 11.81
C PRO A 62 11.85 -18.19 12.02
N ASP A 63 12.55 -19.19 12.51
CA ASP A 63 11.94 -20.48 12.86
C ASP A 63 10.92 -20.29 13.98
N MET A 64 11.16 -19.32 14.93
CA MET A 64 10.29 -19.02 16.06
C MET A 64 8.87 -18.59 15.66
N PHE A 65 8.65 -18.16 14.36
CA PHE A 65 7.32 -17.82 13.85
C PHE A 65 6.46 -19.07 13.89
N SER A 66 7.08 -20.24 13.70
CA SER A 66 6.38 -21.52 13.78
C SER A 66 6.24 -22.06 15.22
N TRP A 67 6.83 -21.39 16.23
CA TRP A 67 6.79 -21.88 17.63
C TRP A 67 5.54 -21.40 18.38
N LYS A 68 5.23 -22.03 19.54
CA LYS A 68 4.03 -21.79 20.34
C LYS A 68 3.99 -20.47 21.13
N ASP A 69 5.11 -20.09 21.72
CA ASP A 69 5.16 -18.94 22.61
C ASP A 69 5.51 -17.61 21.93
N HIS A 70 5.58 -16.54 22.72
CA HIS A 70 5.84 -15.16 22.34
C HIS A 70 6.88 -14.56 23.22
N CYS A 71 7.65 -13.65 22.65
CA CYS A 71 8.68 -12.89 23.35
C CYS A 71 8.95 -11.60 22.59
N GLU A 72 9.71 -10.68 23.21
CA GLU A 72 10.12 -9.39 22.67
C GLU A 72 10.66 -9.55 21.23
N ALA A 73 11.59 -10.52 21.02
CA ALA A 73 12.25 -10.78 19.73
C ALA A 73 11.25 -11.16 18.66
N LEU A 74 10.21 -11.92 19.04
CA LEU A 74 9.16 -12.30 18.09
C LEU A 74 8.39 -11.08 17.58
N TYR A 75 8.00 -10.16 18.50
CA TYR A 75 7.28 -8.95 18.14
C TYR A 75 8.16 -8.05 17.28
N LYS A 76 9.46 -7.97 17.61
CA LYS A 76 10.45 -7.20 16.86
C LYS A 76 10.58 -7.77 15.43
N GLU A 77 10.62 -9.11 15.30
CA GLU A 77 10.77 -9.76 14.00
C GLU A 77 9.51 -9.71 13.17
N VAL A 78 8.33 -9.63 13.81
CA VAL A 78 7.04 -9.47 13.09
C VAL A 78 7.09 -8.08 12.43
N GLN A 79 7.52 -7.05 13.21
CA GLN A 79 7.68 -5.70 12.71
C GLN A 79 8.71 -5.62 11.56
N ARG A 80 9.86 -6.30 11.66
CA ARG A 80 10.85 -6.31 10.57
C ARG A 80 10.26 -6.97 9.34
N CYS A 81 9.52 -8.10 9.53
CA CYS A 81 8.90 -8.81 8.43
C CYS A 81 8.00 -7.88 7.65
N TYR A 82 7.15 -7.15 8.37
CA TYR A 82 6.22 -6.20 7.81
C TYR A 82 6.95 -5.08 7.07
N LEU A 83 8.01 -4.53 7.71
CA LEU A 83 8.84 -3.47 7.12
C LEU A 83 9.56 -3.94 5.84
N LEU A 84 10.11 -5.17 5.86
CA LEU A 84 10.85 -5.74 4.72
C LEU A 84 9.93 -6.15 3.57
N SER A 85 8.66 -6.50 3.86
CA SER A 85 7.72 -6.96 2.85
C SER A 85 6.70 -5.89 2.45
N ALA A 86 6.75 -4.72 3.06
CA ALA A 86 5.87 -3.58 2.76
C ALA A 86 5.93 -3.20 1.25
N PRO A 87 4.80 -2.85 0.58
CA PRO A 87 3.43 -2.66 1.08
C PRO A 87 2.61 -3.95 1.26
N GLY A 88 3.24 -5.09 1.08
CA GLY A 88 2.59 -6.38 1.28
C GLY A 88 3.09 -7.49 0.37
N PRO A 89 2.96 -8.75 0.81
CA PRO A 89 3.42 -9.85 -0.05
C PRO A 89 2.48 -10.17 -1.20
N HIS A 90 3.04 -10.57 -2.34
CA HIS A 90 2.25 -11.06 -3.45
C HIS A 90 1.90 -12.52 -3.15
N VAL A 91 2.83 -13.26 -2.52
CA VAL A 91 2.69 -14.65 -2.17
C VAL A 91 3.40 -14.96 -0.85
N LEU A 92 2.78 -15.87 -0.07
CA LEU A 92 3.33 -16.41 1.17
C LEU A 92 3.55 -17.91 0.89
N LEU A 93 4.80 -18.36 0.96
CA LEU A 93 5.13 -19.76 0.74
C LEU A 93 5.22 -20.45 2.06
N LEU A 94 4.25 -21.33 2.32
CA LEU A 94 4.26 -22.11 3.55
C LEU A 94 5.02 -23.39 3.24
N VAL A 95 6.26 -23.46 3.68
CA VAL A 95 7.13 -24.57 3.38
C VAL A 95 6.94 -25.68 4.38
N THR A 96 6.60 -26.87 3.86
CA THR A 96 6.34 -28.07 4.65
C THR A 96 7.06 -29.26 4.00
N GLN A 97 7.30 -30.34 4.75
CA GLN A 97 7.97 -31.55 4.24
C GLN A 97 6.95 -32.65 3.94
N LEU A 98 7.02 -33.22 2.72
CA LEU A 98 6.11 -34.25 2.21
C LEU A 98 6.02 -35.46 3.19
N GLY A 99 4.80 -35.85 3.56
CA GLY A 99 4.54 -36.96 4.47
C GLY A 99 4.86 -36.70 5.93
N ARG A 100 5.32 -35.48 6.27
CA ARG A 100 5.67 -35.09 7.66
C ARG A 100 5.02 -33.74 8.11
N TYR A 101 3.67 -33.63 7.95
CA TYR A 101 2.86 -32.49 8.38
C TYR A 101 2.41 -32.73 9.83
N THR A 102 3.06 -32.04 10.78
CA THR A 102 2.81 -32.22 12.21
C THR A 102 2.19 -30.96 12.85
N SER A 103 2.02 -30.98 14.20
CA SER A 103 1.45 -29.89 14.99
C SER A 103 2.27 -28.64 14.83
N GLN A 104 3.58 -28.79 14.58
CA GLN A 104 4.54 -27.70 14.36
C GLN A 104 4.23 -26.98 13.05
N ASP A 105 3.85 -27.75 12.01
CA ASP A 105 3.46 -27.20 10.70
C ASP A 105 2.09 -26.53 10.84
N GLN A 106 1.17 -27.14 11.62
CA GLN A 106 -0.16 -26.59 11.91
C GLN A 106 0.02 -25.23 12.60
N GLN A 107 0.94 -25.18 13.57
CA GLN A 107 1.27 -23.98 14.32
C GLN A 107 1.81 -22.89 13.39
N ALA A 108 2.74 -23.25 12.48
CA ALA A 108 3.31 -22.33 11.49
C ALA A 108 2.19 -21.72 10.59
N ALA A 109 1.23 -22.58 10.13
CA ALA A 109 0.10 -22.17 9.30
C ALA A 109 -0.77 -21.20 10.12
N GLN A 110 -1.06 -21.57 11.37
CA GLN A 110 -1.87 -20.76 12.28
C GLN A 110 -1.24 -19.38 12.47
N ARG A 111 0.11 -19.32 12.62
CA ARG A 111 0.86 -18.07 12.79
C ARG A 111 0.82 -17.20 11.55
N VAL A 112 0.67 -17.79 10.36
CA VAL A 112 0.51 -16.99 9.14
C VAL A 112 -0.79 -16.18 9.33
N LYS A 113 -1.87 -16.84 9.79
CA LYS A 113 -3.20 -16.24 10.00
C LYS A 113 -3.19 -15.21 11.16
N GLU A 114 -2.48 -15.50 12.23
CA GLU A 114 -2.36 -14.58 13.37
C GLU A 114 -1.48 -13.37 13.04
N ILE A 115 -0.31 -13.58 12.35
CA ILE A 115 0.62 -12.49 12.02
C ILE A 115 0.06 -11.60 10.92
N PHE A 116 -0.50 -12.19 9.83
CA PHE A 116 -0.96 -11.42 8.67
C PHE A 116 -2.48 -11.27 8.47
N GLY A 117 -3.31 -11.93 9.28
CA GLY A 117 -4.75 -11.90 9.11
C GLY A 117 -5.23 -13.14 8.37
N GLU A 118 -6.46 -13.61 8.65
CA GLU A 118 -7.09 -14.78 8.05
C GLU A 118 -7.02 -14.75 6.53
N ASP A 119 -7.20 -13.56 5.93
CA ASP A 119 -7.21 -13.34 4.48
C ASP A 119 -5.86 -13.64 3.81
N ALA A 120 -4.76 -13.72 4.57
CA ALA A 120 -3.42 -14.03 4.02
C ALA A 120 -3.34 -15.42 3.33
N MET A 121 -4.23 -16.37 3.72
CA MET A 121 -4.30 -17.72 3.14
C MET A 121 -4.67 -17.68 1.65
N GLY A 122 -5.38 -16.60 1.27
CA GLY A 122 -5.75 -16.27 -0.10
C GLY A 122 -4.57 -15.98 -1.00
N HIS A 123 -3.38 -15.72 -0.39
CA HIS A 123 -2.13 -15.44 -1.10
C HIS A 123 -1.07 -16.50 -0.75
N THR A 124 -1.48 -17.59 -0.09
CA THR A 124 -0.58 -18.65 0.36
C THR A 124 -0.56 -19.85 -0.59
N ILE A 125 0.66 -20.37 -0.85
CA ILE A 125 0.94 -21.56 -1.63
C ILE A 125 1.69 -22.49 -0.68
N VAL A 126 1.27 -23.76 -0.64
CA VAL A 126 1.93 -24.76 0.20
C VAL A 126 3.02 -25.45 -0.60
N LEU A 127 4.24 -25.36 -0.10
CA LEU A 127 5.38 -25.98 -0.74
C LEU A 127 5.72 -27.30 0.00
N PHE A 128 5.82 -28.40 -0.76
CA PHE A 128 6.13 -29.73 -0.21
C PHE A 128 7.55 -30.14 -0.58
N THR A 129 8.49 -29.97 0.37
CA THR A 129 9.88 -30.36 0.12
C THR A 129 10.06 -31.88 0.32
N HIS A 130 10.98 -32.48 -0.46
CA HIS A 130 11.30 -33.91 -0.45
C HIS A 130 12.74 -34.14 -0.94
N LYS A 131 13.19 -35.41 -1.09
CA LYS A 131 14.55 -35.74 -1.58
C LYS A 131 14.56 -36.97 -2.51
N GLY A 137 1.60 -34.55 -9.82
CA GLY A 137 1.37 -35.92 -10.27
C GLY A 137 1.57 -36.87 -9.11
N SER A 138 2.85 -37.13 -8.81
CA SER A 138 3.27 -37.93 -7.65
C SER A 138 2.84 -37.22 -6.35
N LEU A 139 2.75 -35.86 -6.36
CA LEU A 139 2.28 -35.12 -5.18
C LEU A 139 0.76 -35.30 -5.01
N MET A 140 0.02 -35.23 -6.12
CA MET A 140 -1.42 -35.42 -6.14
C MET A 140 -1.78 -36.86 -5.73
N ASP A 141 -0.87 -37.81 -5.99
CA ASP A 141 -1.04 -39.21 -5.60
C ASP A 141 -0.98 -39.37 -4.09
N TYR A 142 -0.12 -38.58 -3.41
CA TYR A 142 0.05 -38.67 -1.96
C TYR A 142 -1.06 -37.92 -1.25
N MET A 143 -1.46 -36.74 -1.80
CA MET A 143 -2.55 -35.89 -1.29
C MET A 143 -3.86 -36.67 -1.29
N HIS A 144 -4.14 -37.39 -2.41
CA HIS A 144 -5.34 -38.22 -2.59
C HIS A 144 -5.45 -39.24 -1.46
N ASP A 145 -4.34 -39.89 -1.11
CA ASP A 145 -4.37 -40.90 -0.07
C ASP A 145 -4.01 -40.37 1.32
N SER A 146 -3.81 -39.04 1.45
CA SER A 146 -3.47 -38.47 2.75
C SER A 146 -4.63 -38.64 3.73
N ASP A 147 -4.31 -39.19 4.92
CA ASP A 147 -5.26 -39.41 6.01
C ASP A 147 -5.13 -38.28 7.06
N ASN A 148 -4.51 -37.15 6.66
CA ASN A 148 -4.28 -36.01 7.55
C ASN A 148 -5.35 -34.92 7.37
N LYS A 149 -6.31 -34.88 8.32
CA LYS A 149 -7.41 -33.92 8.30
C LYS A 149 -6.92 -32.45 8.36
N ALA A 150 -5.90 -32.17 9.19
CA ALA A 150 -5.31 -30.84 9.33
C ALA A 150 -4.66 -30.33 8.03
N LEU A 151 -3.91 -31.21 7.35
CA LEU A 151 -3.25 -30.86 6.08
C LEU A 151 -4.27 -30.55 4.97
N SER A 152 -5.34 -31.36 4.90
CA SER A 152 -6.46 -31.22 3.96
C SER A 152 -7.13 -29.87 4.19
N LYS A 153 -7.32 -29.48 5.47
CA LYS A 153 -7.89 -28.20 5.88
C LYS A 153 -7.03 -27.03 5.40
N LEU A 154 -5.68 -27.18 5.48
CA LEU A 154 -4.73 -26.16 5.03
C LEU A 154 -4.74 -25.99 3.49
N VAL A 155 -4.68 -27.12 2.75
CA VAL A 155 -4.66 -27.12 1.29
C VAL A 155 -5.97 -26.49 0.76
N ALA A 156 -7.13 -26.82 1.39
CA ALA A 156 -8.43 -26.26 1.02
C ALA A 156 -8.45 -24.76 1.29
N ALA A 157 -7.83 -24.31 2.41
CA ALA A 157 -7.72 -22.91 2.80
C ALA A 157 -6.82 -22.14 1.81
N CYS A 158 -5.86 -22.83 1.17
CA CYS A 158 -4.92 -22.29 0.19
C CYS A 158 -5.38 -22.55 -1.25
N GLY A 159 -6.69 -22.79 -1.43
CA GLY A 159 -7.31 -23.04 -2.72
C GLY A 159 -6.68 -24.13 -3.57
N GLY A 160 -6.12 -25.16 -2.91
CA GLY A 160 -5.44 -26.27 -3.56
C GLY A 160 -4.13 -25.89 -4.21
N ARG A 161 -3.58 -24.70 -3.85
CA ARG A 161 -2.32 -24.22 -4.41
C ARG A 161 -1.18 -24.90 -3.67
N ILE A 162 -0.69 -25.98 -4.29
CA ILE A 162 0.37 -26.82 -3.74
C ILE A 162 1.43 -27.03 -4.80
N CYS A 163 2.68 -27.22 -4.38
CA CYS A 163 3.81 -27.45 -5.26
C CYS A 163 4.85 -28.30 -4.55
N ALA A 164 5.35 -29.33 -5.23
CA ALA A 164 6.39 -30.20 -4.69
C ALA A 164 7.76 -29.56 -4.99
N PHE A 165 8.78 -29.89 -4.18
CA PHE A 165 10.12 -29.31 -4.34
C PHE A 165 11.20 -30.23 -3.75
N ASN A 166 12.19 -30.62 -4.58
CA ASN A 166 13.31 -31.44 -4.12
C ASN A 166 14.47 -30.51 -3.79
N ASN A 167 14.87 -30.44 -2.51
CA ASN A 167 15.95 -29.55 -2.07
C ASN A 167 17.27 -30.31 -1.82
N GLY A 171 20.83 -28.40 -11.08
CA GLY A 171 20.94 -27.97 -12.47
C GLY A 171 19.63 -27.87 -13.23
N SER A 172 19.47 -28.72 -14.26
CA SER A 172 18.29 -28.78 -15.13
C SER A 172 17.00 -29.07 -14.34
N ASN A 173 17.04 -30.13 -13.50
CA ASN A 173 15.93 -30.55 -12.63
C ASN A 173 15.58 -29.44 -11.61
N GLN A 174 16.58 -28.66 -11.16
CA GLN A 174 16.42 -27.53 -10.24
C GLN A 174 15.67 -26.40 -10.96
N ASP A 175 16.06 -26.10 -12.21
CA ASP A 175 15.43 -25.06 -13.04
C ASP A 175 13.96 -25.40 -13.32
N ASP A 176 13.66 -26.71 -13.52
CA ASP A 176 12.32 -27.23 -13.79
C ASP A 176 11.37 -27.04 -12.60
N GLN A 177 11.82 -27.35 -11.37
CA GLN A 177 10.95 -27.19 -10.19
C GLN A 177 10.73 -25.73 -9.81
N VAL A 178 11.69 -24.84 -10.12
CA VAL A 178 11.53 -23.40 -9.90
C VAL A 178 10.49 -22.90 -10.91
N LYS A 179 10.56 -23.38 -12.18
CA LYS A 179 9.62 -23.05 -13.25
C LYS A 179 8.21 -23.48 -12.82
N GLU A 180 8.08 -24.71 -12.26
CA GLU A 180 6.82 -25.27 -11.74
C GLU A 180 6.24 -24.36 -10.66
N LEU A 181 7.07 -23.93 -9.68
CA LEU A 181 6.67 -23.03 -8.60
C LEU A 181 6.35 -21.62 -9.12
N MET A 182 7.18 -21.07 -10.01
CA MET A 182 6.94 -19.77 -10.64
C MET A 182 5.64 -19.78 -11.45
N ASP A 183 5.25 -20.96 -11.98
CA ASP A 183 3.98 -21.13 -12.68
C ASP A 183 2.83 -21.01 -11.69
N CYS A 184 2.94 -21.63 -10.48
CA CYS A 184 1.92 -21.54 -9.44
C CYS A 184 1.73 -20.11 -9.06
N ILE A 185 2.86 -19.43 -8.73
CA ILE A 185 2.89 -18.04 -8.29
C ILE A 185 2.19 -17.15 -9.33
N GLU A 186 2.57 -17.28 -10.61
CA GLU A 186 1.98 -16.51 -11.71
C GLU A 186 0.49 -16.76 -11.85
N ASP A 187 0.03 -18.02 -11.64
CA ASP A 187 -1.37 -18.40 -11.70
C ASP A 187 -2.16 -17.66 -10.61
N LEU A 188 -1.61 -17.60 -9.38
CA LEU A 188 -2.20 -16.90 -8.24
C LEU A 188 -2.27 -15.40 -8.57
N LEU A 189 -1.15 -14.83 -9.07
CA LEU A 189 -1.02 -13.43 -9.44
C LEU A 189 -2.02 -13.02 -10.50
N MET A 190 -2.21 -13.87 -11.52
CA MET A 190 -3.16 -13.62 -12.58
C MET A 190 -4.58 -13.58 -12.01
N GLU A 191 -4.91 -14.52 -11.10
CA GLU A 191 -6.18 -14.59 -10.39
C GLU A 191 -6.40 -13.30 -9.56
N LYS A 192 -5.32 -12.77 -8.94
CA LYS A 192 -5.31 -11.55 -8.12
C LYS A 192 -5.07 -10.27 -8.92
N ASN A 193 -5.05 -10.39 -10.25
CA ASN A 193 -4.78 -9.31 -11.20
C ASN A 193 -3.50 -8.53 -10.80
N GLY A 194 -2.49 -9.29 -10.38
CA GLY A 194 -1.18 -8.80 -9.97
C GLY A 194 -1.10 -8.09 -8.64
N ASP A 195 -2.22 -8.02 -7.89
CA ASP A 195 -2.30 -7.33 -6.60
C ASP A 195 -1.63 -8.09 -5.47
N HIS A 196 -0.91 -7.35 -4.61
CA HIS A 196 -0.28 -7.94 -3.44
C HIS A 196 -1.30 -7.93 -2.31
N TYR A 197 -1.09 -8.76 -1.30
CA TYR A 197 -1.91 -8.82 -0.10
C TYR A 197 -1.57 -7.61 0.79
N THR A 198 -2.60 -7.04 1.42
CA THR A 198 -2.39 -5.93 2.35
C THR A 198 -3.34 -6.08 3.57
N ASN A 199 -3.04 -5.34 4.65
CA ASN A 199 -3.84 -5.30 5.87
C ASN A 199 -3.60 -3.95 6.58
N GLY A 200 -4.30 -3.74 7.72
CA GLY A 200 -4.25 -2.52 8.51
C GLY A 200 -2.88 -2.13 9.02
N LEU A 201 -2.05 -3.14 9.33
CA LEU A 201 -0.69 -2.88 9.81
C LEU A 201 0.17 -2.37 8.63
N TYR A 202 0.00 -2.93 7.39
CA TYR A 202 0.72 -2.43 6.20
C TYR A 202 0.36 -0.94 5.94
N SER A 203 -0.94 -0.60 6.08
CA SER A 203 -1.49 0.73 5.94
C SER A 203 -0.87 1.68 6.99
N LEU A 204 -0.68 1.17 8.23
CA LEU A 204 -0.08 1.92 9.33
C LEU A 204 1.38 2.28 9.04
N ILE A 205 2.16 1.32 8.51
CA ILE A 205 3.56 1.49 8.09
C ILE A 205 3.63 2.56 6.98
N GLN A 206 2.74 2.45 5.98
CA GLN A 206 2.64 3.35 4.83
C GLN A 206 2.40 4.83 5.22
N ARG A 207 1.73 5.08 6.37
CA ARG A 207 1.48 6.46 6.85
C ARG A 207 2.69 6.98 7.64
N SER A 208 3.35 6.09 8.42
CA SER A 208 4.52 6.41 9.24
C SER A 208 5.80 6.18 8.45
N SER B 4 -6.28 39.51 -20.40
CA SER B 4 -5.75 39.43 -19.03
C SER B 4 -6.62 38.51 -18.14
N GLU B 5 -6.99 37.33 -18.66
CA GLU B 5 -7.83 36.38 -17.92
C GLU B 5 -7.07 35.62 -16.83
N LEU B 6 -7.80 35.21 -15.79
CA LEU B 6 -7.31 34.45 -14.66
C LEU B 6 -7.98 33.06 -14.72
N ARG B 7 -7.19 32.01 -14.95
CA ARG B 7 -7.69 30.64 -15.07
C ARG B 7 -7.53 29.84 -13.76
N ILE B 8 -8.65 29.28 -13.27
CA ILE B 8 -8.68 28.47 -12.04
C ILE B 8 -9.16 27.04 -12.33
N ILE B 9 -8.40 26.03 -11.91
CA ILE B 9 -8.82 24.63 -12.03
C ILE B 9 -9.28 24.15 -10.66
N LEU B 10 -10.52 23.59 -10.60
CA LEU B 10 -11.11 23.06 -9.37
C LEU B 10 -10.86 21.58 -9.30
N VAL B 11 -10.20 21.12 -8.24
CA VAL B 11 -9.88 19.70 -8.03
C VAL B 11 -10.35 19.30 -6.64
N GLY B 12 -11.14 18.24 -6.55
CA GLY B 12 -11.68 17.74 -5.29
C GLY B 12 -12.57 16.52 -5.42
N LYS B 13 -12.87 15.86 -4.28
CA LYS B 13 -13.69 14.64 -4.18
C LYS B 13 -15.22 14.86 -4.32
N THR B 14 -15.76 16.09 -4.06
CA THR B 14 -17.21 16.33 -4.20
C THR B 14 -17.51 17.51 -5.14
N GLY B 15 -18.50 17.30 -6.02
CA GLY B 15 -19.00 18.30 -6.95
C GLY B 15 -19.61 19.49 -6.25
N THR B 16 -20.30 19.23 -5.11
CA THR B 16 -20.93 20.24 -4.26
C THR B 16 -19.89 21.28 -3.74
N GLY B 17 -18.77 20.82 -3.16
CA GLY B 17 -17.74 21.70 -2.63
C GLY B 17 -17.16 22.60 -3.71
N LYS B 18 -16.83 21.99 -4.85
CA LYS B 18 -16.27 22.61 -6.06
C LYS B 18 -17.22 23.63 -6.70
N SER B 19 -18.48 23.24 -6.95
CA SER B 19 -19.47 24.12 -7.54
C SER B 19 -19.74 25.28 -6.60
N ALA B 20 -19.85 25.01 -5.29
CA ALA B 20 -20.11 26.12 -4.37
C ALA B 20 -19.01 27.16 -4.37
N ALA B 21 -17.75 26.69 -4.37
CA ALA B 21 -16.52 27.50 -4.40
C ALA B 21 -16.48 28.31 -5.69
N GLY B 22 -16.66 27.59 -6.80
CA GLY B 22 -16.68 28.13 -8.15
C GLY B 22 -17.78 29.15 -8.35
N ASN B 23 -18.99 28.84 -7.84
CA ASN B 23 -20.15 29.74 -7.92
C ASN B 23 -19.95 30.99 -7.08
N SER B 24 -19.23 30.88 -5.96
CA SER B 24 -18.95 32.03 -5.10
C SER B 24 -17.96 32.97 -5.78
N ILE B 25 -16.87 32.40 -6.36
CA ILE B 25 -15.83 33.16 -7.08
C ILE B 25 -16.44 33.92 -8.26
N LEU B 26 -17.27 33.26 -9.08
CA LEU B 26 -17.91 33.90 -10.24
C LEU B 26 -19.14 34.75 -9.89
N ARG B 27 -19.64 34.60 -8.64
CA ARG B 27 -20.83 35.25 -8.08
C ARG B 27 -22.05 34.98 -8.99
N LYS B 28 -22.29 33.68 -9.31
CA LYS B 28 -23.36 33.19 -10.18
C LYS B 28 -23.50 31.68 -10.04
N THR B 39 -23.90 17.25 -6.81
CA THR B 39 -23.70 15.83 -6.52
C THR B 39 -22.35 15.34 -7.12
N LEU B 40 -22.38 14.41 -8.11
CA LEU B 40 -21.19 13.85 -8.77
C LEU B 40 -21.00 14.46 -10.17
N THR B 41 -19.79 15.01 -10.41
CA THR B 41 -19.32 15.68 -11.62
C THR B 41 -18.64 14.64 -12.50
N LYS B 42 -19.15 14.42 -13.73
CA LYS B 42 -18.61 13.40 -14.62
C LYS B 42 -17.65 13.95 -15.70
N THR B 43 -17.82 15.22 -16.10
CA THR B 43 -16.95 15.83 -17.11
C THR B 43 -16.43 17.19 -16.64
N CYS B 44 -15.44 17.73 -17.38
CA CYS B 44 -14.88 19.07 -17.17
C CYS B 44 -15.87 20.08 -17.72
N SER B 45 -16.02 21.19 -17.02
CA SER B 45 -16.86 22.30 -17.45
C SER B 45 -16.02 23.55 -17.33
N LYS B 46 -16.34 24.58 -18.12
CA LYS B 46 -15.66 25.87 -18.13
C LYS B 46 -16.70 26.96 -18.04
N SER B 47 -16.57 27.83 -17.03
CA SER B 47 -17.47 28.96 -16.84
C SER B 47 -16.66 30.22 -16.69
N GLN B 48 -17.12 31.30 -17.32
CA GLN B 48 -16.48 32.63 -17.32
C GLN B 48 -17.33 33.61 -16.51
N GLY B 49 -16.69 34.58 -15.86
CA GLY B 49 -17.37 35.58 -15.05
C GLY B 49 -16.46 36.61 -14.43
N GLU B 55 -11.09 39.15 -15.99
CA GLU B 55 -11.95 38.05 -16.43
C GLU B 55 -11.55 36.77 -15.73
N ILE B 56 -12.49 36.11 -15.05
CA ILE B 56 -12.19 34.86 -14.35
C ILE B 56 -12.76 33.68 -15.12
N VAL B 57 -11.89 32.73 -15.46
CA VAL B 57 -12.25 31.50 -16.15
C VAL B 57 -12.04 30.35 -15.15
N ILE B 58 -13.10 29.56 -14.92
CA ILE B 58 -13.03 28.44 -13.99
C ILE B 58 -13.29 27.13 -14.72
N ILE B 59 -12.38 26.15 -14.51
CA ILE B 59 -12.44 24.83 -15.09
C ILE B 59 -12.72 23.84 -13.97
N ASP B 60 -13.95 23.31 -13.92
CA ASP B 60 -14.36 22.31 -12.94
C ASP B 60 -13.91 20.94 -13.49
N THR B 61 -13.40 20.05 -12.65
CA THR B 61 -12.93 18.72 -13.06
C THR B 61 -13.81 17.60 -12.47
N PRO B 62 -13.83 16.38 -13.07
CA PRO B 62 -14.68 15.31 -12.53
C PRO B 62 -14.23 14.81 -11.15
N ASP B 63 -15.17 14.20 -10.39
CA ASP B 63 -14.91 13.60 -9.09
C ASP B 63 -14.00 12.36 -9.25
N MET B 64 -13.93 11.76 -10.49
CA MET B 64 -13.10 10.60 -10.83
C MET B 64 -11.61 10.93 -10.80
N PHE B 65 -11.24 12.23 -10.88
CA PHE B 65 -9.84 12.67 -10.78
C PHE B 65 -9.36 12.28 -9.40
N SER B 66 -10.26 12.26 -8.39
CA SER B 66 -10.02 11.90 -7.00
C SER B 66 -10.10 10.38 -6.73
N TRP B 67 -10.45 9.57 -7.77
CA TRP B 67 -10.61 8.11 -7.64
C TRP B 67 -9.33 7.34 -7.95
N LYS B 68 -9.27 6.07 -7.52
CA LYS B 68 -8.10 5.18 -7.63
C LYS B 68 -7.81 4.64 -9.03
N ASP B 69 -8.84 4.31 -9.80
CA ASP B 69 -8.66 3.66 -11.09
C ASP B 69 -8.48 4.61 -12.29
N HIS B 70 -8.18 4.00 -13.45
CA HIS B 70 -7.97 4.64 -14.74
C HIS B 70 -8.80 3.99 -15.80
N CYS B 71 -9.30 4.82 -16.71
CA CYS B 71 -10.11 4.37 -17.83
C CYS B 71 -10.00 5.40 -18.95
N GLU B 72 -10.54 5.04 -20.13
CA GLU B 72 -10.56 5.86 -21.33
C GLU B 72 -11.14 7.27 -21.02
N ALA B 73 -12.29 7.32 -20.29
CA ALA B 73 -12.96 8.57 -19.90
C ALA B 73 -12.05 9.48 -19.08
N LEU B 74 -11.25 8.90 -18.18
CA LEU B 74 -10.33 9.69 -17.37
C LEU B 74 -9.29 10.38 -18.23
N TYR B 75 -8.69 9.64 -19.19
CA TYR B 75 -7.68 10.19 -20.09
C TYR B 75 -8.30 11.26 -21.00
N LYS B 76 -9.56 11.04 -21.45
CA LYS B 76 -10.33 11.99 -22.26
C LYS B 76 -10.58 13.27 -21.45
N GLU B 77 -10.96 13.14 -20.16
CA GLU B 77 -11.23 14.29 -19.31
C GLU B 77 -9.97 15.05 -18.90
N VAL B 78 -8.82 14.37 -18.86
CA VAL B 78 -7.53 15.01 -18.58
C VAL B 78 -7.24 15.94 -19.78
N GLN B 79 -7.43 15.40 -21.02
CA GLN B 79 -7.25 16.14 -22.26
C GLN B 79 -8.17 17.35 -22.33
N ARG B 80 -9.47 17.20 -21.94
CA ARG B 80 -10.42 18.33 -21.95
C ARG B 80 -10.00 19.37 -20.96
N CYS B 81 -9.56 18.94 -19.76
CA CYS B 81 -9.12 19.85 -18.71
C CYS B 81 -7.97 20.72 -19.23
N TYR B 82 -7.00 20.08 -19.87
CA TYR B 82 -5.82 20.73 -20.45
C TYR B 82 -6.25 21.70 -21.56
N LEU B 83 -7.16 21.25 -22.45
CA LEU B 83 -7.68 22.08 -23.55
C LEU B 83 -8.46 23.29 -23.03
N LEU B 84 -9.29 23.11 -22.00
CA LEU B 84 -10.12 24.17 -21.41
C LEU B 84 -9.30 25.16 -20.59
N SER B 85 -8.16 24.72 -20.01
CA SER B 85 -7.33 25.56 -19.16
C SER B 85 -6.05 26.07 -19.86
N ALA B 86 -5.84 25.68 -21.12
CA ALA B 86 -4.69 26.10 -21.93
C ALA B 86 -4.59 27.65 -22.02
N PRO B 87 -3.39 28.29 -21.97
CA PRO B 87 -2.03 27.72 -21.88
C PRO B 87 -1.58 27.24 -20.49
N GLY B 88 -2.48 27.26 -19.52
CA GLY B 88 -2.17 26.82 -18.17
C GLY B 88 -2.91 27.52 -17.05
N PRO B 89 -3.10 26.87 -15.89
CA PRO B 89 -3.82 27.54 -14.79
C PRO B 89 -2.97 28.52 -14.00
N HIS B 90 -3.58 29.62 -13.57
CA HIS B 90 -2.91 30.57 -12.68
C HIS B 90 -2.95 30.00 -11.27
N VAL B 91 -4.07 29.33 -10.92
CA VAL B 91 -4.31 28.70 -9.63
C VAL B 91 -5.07 27.40 -9.78
N LEU B 92 -4.73 26.42 -8.92
CA LEU B 92 -5.42 25.15 -8.76
C LEU B 92 -6.01 25.17 -7.36
N LEU B 93 -7.34 25.10 -7.27
CA LEU B 93 -8.01 25.07 -5.98
C LEU B 93 -8.26 23.63 -5.61
N LEU B 94 -7.57 23.13 -4.59
CA LEU B 94 -7.78 21.78 -4.13
C LEU B 94 -8.84 21.90 -3.06
N VAL B 95 -10.08 21.52 -3.38
CA VAL B 95 -11.21 21.62 -2.47
C VAL B 95 -11.28 20.39 -1.60
N THR B 96 -11.19 20.60 -0.30
CA THR B 96 -11.23 19.55 0.70
C THR B 96 -12.19 19.93 1.82
N GLN B 97 -12.40 19.02 2.77
CA GLN B 97 -13.30 19.31 3.85
C GLN B 97 -12.54 19.60 5.12
N LEU B 98 -13.03 20.60 5.84
CA LEU B 98 -12.48 20.96 7.14
C LEU B 98 -12.93 19.91 8.19
N GLY B 99 -11.95 19.23 8.80
CA GLY B 99 -12.22 18.17 9.77
C GLY B 99 -12.28 16.77 9.18
N ARG B 100 -12.24 16.66 7.83
CA ARG B 100 -12.41 15.38 7.16
C ARG B 100 -11.43 15.17 5.98
N TYR B 101 -10.10 15.19 6.24
CA TYR B 101 -9.06 14.92 5.22
C TYR B 101 -8.80 13.41 5.25
N THR B 102 -9.32 12.69 4.27
CA THR B 102 -9.24 11.23 4.18
C THR B 102 -8.38 10.78 2.99
N SER B 103 -8.30 9.44 2.79
CA SER B 103 -7.56 8.78 1.70
C SER B 103 -8.04 9.26 0.34
N GLN B 104 -9.31 9.64 0.23
CA GLN B 104 -9.95 10.15 -0.98
C GLN B 104 -9.39 11.55 -1.33
N ASP B 105 -9.14 12.37 -0.29
CA ASP B 105 -8.54 13.69 -0.43
C ASP B 105 -7.06 13.56 -0.79
N GLN B 106 -6.38 12.56 -0.16
CA GLN B 106 -4.98 12.24 -0.41
C GLN B 106 -4.85 11.83 -1.87
N GLN B 107 -5.78 10.95 -2.35
CA GLN B 107 -5.84 10.51 -3.73
C GLN B 107 -6.01 11.71 -4.69
N ALA B 108 -6.94 12.64 -4.39
CA ALA B 108 -7.19 13.84 -5.19
C ALA B 108 -5.92 14.71 -5.29
N ALA B 109 -5.24 14.94 -4.14
CA ALA B 109 -4.00 15.70 -4.05
C ALA B 109 -2.93 14.99 -4.92
N GLN B 110 -2.78 13.67 -4.74
CA GLN B 110 -1.82 12.85 -5.47
C GLN B 110 -2.05 12.96 -6.98
N ARG B 111 -3.32 12.95 -7.41
CA ARG B 111 -3.69 13.06 -8.81
C ARG B 111 -3.40 14.45 -9.39
N VAL B 112 -3.42 15.52 -8.59
CA VAL B 112 -3.06 16.84 -9.14
C VAL B 112 -1.58 16.77 -9.52
N LYS B 113 -0.75 16.12 -8.67
CA LYS B 113 0.68 15.95 -8.91
C LYS B 113 0.94 15.04 -10.11
N GLU B 114 0.17 13.96 -10.26
CA GLU B 114 0.31 13.04 -11.40
C GLU B 114 -0.23 13.67 -12.69
N ILE B 115 -1.40 14.35 -12.66
CA ILE B 115 -2.00 14.94 -13.87
C ILE B 115 -1.24 16.17 -14.34
N PHE B 116 -0.84 17.07 -13.42
CA PHE B 116 -0.19 18.34 -13.78
C PHE B 116 1.31 18.46 -13.48
N GLY B 117 1.86 17.52 -12.69
CA GLY B 117 3.26 17.57 -12.27
C GLY B 117 3.45 18.02 -10.84
N GLU B 118 4.53 17.56 -10.21
CA GLU B 118 4.88 17.88 -8.83
C GLU B 118 4.88 19.39 -8.59
N ASP B 119 5.41 20.18 -9.55
CA ASP B 119 5.51 21.64 -9.51
C ASP B 119 4.16 22.37 -9.47
N ALA B 120 3.06 21.68 -9.81
CA ALA B 120 1.70 22.25 -9.79
C ALA B 120 1.27 22.74 -8.40
N MET B 121 1.84 22.12 -7.35
CA MET B 121 1.59 22.45 -5.96
C MET B 121 1.98 23.90 -5.65
N GLY B 122 2.94 24.42 -6.40
CA GLY B 122 3.40 25.80 -6.35
C GLY B 122 2.34 26.81 -6.76
N HIS B 123 1.27 26.34 -7.41
CA HIS B 123 0.14 27.15 -7.87
C HIS B 123 -1.16 26.68 -7.22
N THR B 124 -1.06 25.80 -6.21
CA THR B 124 -2.21 25.24 -5.50
C THR B 124 -2.54 25.96 -4.18
N ILE B 125 -3.84 26.21 -3.97
CA ILE B 125 -4.42 26.76 -2.74
C ILE B 125 -5.38 25.70 -2.22
N VAL B 126 -5.30 25.36 -0.93
CA VAL B 126 -6.16 24.33 -0.35
C VAL B 126 -7.38 25.02 0.25
N LEU B 127 -8.56 24.63 -0.23
CA LEU B 127 -9.81 25.19 0.27
C LEU B 127 -10.45 24.18 1.23
N PHE B 128 -10.81 24.62 2.44
CA PHE B 128 -11.41 23.76 3.47
C PHE B 128 -12.89 24.10 3.70
N THR B 129 -13.79 23.30 3.11
CA THR B 129 -15.22 23.56 3.26
C THR B 129 -15.74 23.03 4.60
N HIS B 130 -16.77 23.71 5.16
CA HIS B 130 -17.42 23.37 6.44
C HIS B 130 -18.85 23.89 6.49
N ASN B 135 -14.91 29.11 10.60
CA ASN B 135 -13.81 30.06 10.83
C ASN B 135 -12.41 29.50 10.42
N GLY B 136 -11.49 30.41 10.06
CA GLY B 136 -10.08 30.11 9.77
C GLY B 136 -9.32 29.69 11.04
N GLY B 137 -9.89 30.03 12.21
CA GLY B 137 -9.40 29.67 13.54
C GLY B 137 -9.63 28.19 13.76
N SER B 138 -10.85 27.71 13.40
CA SER B 138 -11.24 26.30 13.45
C SER B 138 -10.33 25.50 12.51
N LEU B 139 -9.93 26.13 11.36
CA LEU B 139 -9.03 25.53 10.39
C LEU B 139 -7.57 25.40 10.98
N MET B 140 -7.09 26.42 11.64
CA MET B 140 -5.77 26.43 12.26
C MET B 140 -5.73 25.38 13.40
N ASP B 141 -6.83 25.29 14.15
CA ASP B 141 -7.02 24.34 15.23
C ASP B 141 -6.98 22.89 14.67
N TYR B 142 -7.72 22.64 13.58
CA TYR B 142 -7.76 21.37 12.89
C TYR B 142 -6.37 20.99 12.39
N MET B 143 -5.64 21.95 11.81
CA MET B 143 -4.27 21.72 11.36
C MET B 143 -3.31 21.28 12.48
N HIS B 144 -3.53 21.75 13.72
CA HIS B 144 -2.56 21.52 14.79
C HIS B 144 -2.99 20.52 15.85
N ASP B 145 -4.30 20.25 15.97
CA ASP B 145 -4.79 19.20 16.87
C ASP B 145 -4.65 17.88 16.09
N SER B 146 -4.80 17.95 14.74
CA SER B 146 -4.69 16.81 13.82
C SER B 146 -3.27 16.27 13.75
N ASP B 147 -3.11 14.94 13.86
CA ASP B 147 -1.84 14.26 13.71
C ASP B 147 -1.87 13.53 12.33
N ASN B 148 -2.39 14.23 11.31
CA ASN B 148 -2.48 13.76 9.92
C ASN B 148 -1.23 14.21 9.14
N LYS B 149 -0.28 13.27 8.96
CA LYS B 149 0.99 13.53 8.27
C LYS B 149 0.78 13.93 6.84
N ALA B 150 -0.17 13.29 6.13
CA ALA B 150 -0.50 13.58 4.74
C ALA B 150 -1.02 15.01 4.56
N LEU B 151 -1.93 15.49 5.43
CA LEU B 151 -2.50 16.83 5.38
C LEU B 151 -1.42 17.91 5.58
N SER B 152 -0.55 17.69 6.58
CA SER B 152 0.57 18.54 6.94
C SER B 152 1.52 18.69 5.74
N LYS B 153 1.81 17.55 5.09
CA LYS B 153 2.65 17.47 3.90
C LYS B 153 2.06 18.28 2.76
N LEU B 154 0.71 18.22 2.57
CA LEU B 154 -0.01 18.95 1.53
C LEU B 154 0.05 20.46 1.74
N VAL B 155 -0.25 20.92 2.97
CA VAL B 155 -0.28 22.33 3.31
C VAL B 155 1.09 22.95 3.17
N ALA B 156 2.11 22.19 3.59
CA ALA B 156 3.52 22.65 3.48
C ALA B 156 3.92 22.75 2.00
N ALA B 157 3.48 21.78 1.18
CA ALA B 157 3.73 21.73 -0.26
C ALA B 157 3.02 22.89 -0.97
N CYS B 158 1.88 23.37 -0.40
CA CYS B 158 1.08 24.48 -0.95
C CYS B 158 1.43 25.80 -0.28
N GLY B 159 2.63 25.86 0.31
CA GLY B 159 3.17 27.06 0.97
C GLY B 159 2.29 27.67 2.03
N GLY B 160 1.48 26.85 2.70
CA GLY B 160 0.58 27.31 3.74
C GLY B 160 -0.60 28.11 3.18
N ARG B 161 -0.84 28.03 1.85
CA ARG B 161 -1.93 28.73 1.19
C ARG B 161 -3.20 27.93 1.38
N ILE B 162 -3.91 28.22 2.47
CA ILE B 162 -5.13 27.54 2.91
C ILE B 162 -6.20 28.57 3.18
N CYS B 163 -7.45 28.17 2.97
CA CYS B 163 -8.57 29.05 3.14
C CYS B 163 -9.79 28.22 3.56
N ALA B 164 -10.45 28.62 4.65
CA ALA B 164 -11.66 27.94 5.12
C ALA B 164 -12.86 28.48 4.35
N PHE B 165 -13.92 27.70 4.25
CA PHE B 165 -15.10 28.08 3.48
C PHE B 165 -16.37 27.44 3.99
N ASN B 166 -17.38 28.26 4.34
CA ASN B 166 -18.69 27.75 4.75
C ASN B 166 -19.64 27.74 3.56
N ASN B 167 -20.23 26.55 3.27
CA ASN B 167 -21.23 26.31 2.22
C ASN B 167 -22.66 26.62 2.69
N ASN B 173 -21.16 37.67 5.34
CA ASN B 173 -20.26 36.58 5.70
C ASN B 173 -19.79 35.79 4.45
N GLN B 174 -20.67 35.66 3.44
CA GLN B 174 -20.38 35.00 2.17
C GLN B 174 -19.37 35.85 1.38
N ASP B 175 -19.60 37.18 1.33
CA ASP B 175 -18.74 38.15 0.64
C ASP B 175 -17.33 38.18 1.27
N ASP B 176 -17.26 38.02 2.61
CA ASP B 176 -16.02 38.01 3.38
C ASP B 176 -15.14 36.80 3.06
N GLN B 177 -15.74 35.58 2.97
CA GLN B 177 -14.93 34.39 2.67
C GLN B 177 -14.46 34.35 1.21
N VAL B 178 -15.24 34.96 0.28
CA VAL B 178 -14.84 35.06 -1.13
C VAL B 178 -13.66 36.04 -1.22
N LYS B 179 -13.75 37.16 -0.46
CA LYS B 179 -12.71 38.19 -0.36
C LYS B 179 -11.43 37.55 0.16
N GLU B 180 -11.54 36.71 1.22
CA GLU B 180 -10.43 35.98 1.83
C GLU B 180 -9.75 35.08 0.79
N LEU B 181 -10.54 34.32 0.01
CA LEU B 181 -10.03 33.44 -1.06
C LEU B 181 -9.41 34.25 -2.21
N MET B 182 -10.09 35.32 -2.65
CA MET B 182 -9.59 36.20 -3.71
C MET B 182 -8.28 36.89 -3.30
N ASP B 183 -8.09 37.09 -1.96
CA ASP B 183 -6.86 37.62 -1.41
C ASP B 183 -5.75 36.59 -1.56
N CYS B 184 -6.02 35.26 -1.27
CA CYS B 184 -5.02 34.19 -1.45
C CYS B 184 -4.60 34.10 -2.89
N ILE B 185 -5.59 34.12 -3.82
CA ILE B 185 -5.35 34.03 -5.27
C ILE B 185 -4.43 35.17 -5.72
N GLU B 186 -4.78 36.42 -5.36
CA GLU B 186 -4.00 37.62 -5.71
C GLU B 186 -2.59 37.57 -5.12
N ASP B 187 -2.45 37.04 -3.88
CA ASP B 187 -1.16 36.88 -3.20
C ASP B 187 -0.27 35.92 -3.97
N LEU B 188 -0.86 34.80 -4.41
CA LEU B 188 -0.17 33.78 -5.20
C LEU B 188 0.28 34.39 -6.53
N LEU B 189 -0.64 35.11 -7.20
CA LEU B 189 -0.37 35.77 -8.48
C LEU B 189 0.75 36.77 -8.40
N MET B 190 0.78 37.57 -7.32
CA MET B 190 1.83 38.55 -7.08
C MET B 190 3.17 37.83 -6.93
N GLU B 191 3.19 36.71 -6.17
CA GLU B 191 4.37 35.86 -5.95
C GLU B 191 4.90 35.31 -7.29
N LYS B 192 3.98 34.83 -8.16
CA LYS B 192 4.32 34.25 -9.46
C LYS B 192 4.47 35.32 -10.56
N ASN B 193 4.37 36.62 -10.18
CA ASN B 193 4.47 37.80 -11.07
C ASN B 193 3.42 37.72 -12.21
N GLY B 194 2.23 37.24 -11.83
CA GLY B 194 1.08 37.07 -12.70
C GLY B 194 1.17 35.93 -13.68
N ASP B 195 2.27 35.11 -13.62
CA ASP B 195 2.48 33.98 -14.53
C ASP B 195 1.65 32.78 -14.17
N HIS B 196 1.08 32.14 -15.20
CA HIS B 196 0.30 30.93 -15.04
C HIS B 196 1.25 29.76 -14.99
N TYR B 197 0.81 28.64 -14.41
CA TYR B 197 1.61 27.41 -14.40
C TYR B 197 1.55 26.80 -15.78
N THR B 198 2.67 26.22 -16.22
CA THR B 198 2.77 25.51 -17.49
C THR B 198 3.65 24.25 -17.30
N ASN B 199 3.52 23.31 -18.24
CA ASN B 199 4.26 22.05 -18.27
C ASN B 199 4.40 21.60 -19.71
N GLY B 200 5.12 20.49 -19.90
CA GLY B 200 5.41 19.92 -21.20
C GLY B 200 4.21 19.50 -22.01
N LEU B 201 3.11 19.12 -21.32
CA LEU B 201 1.87 18.70 -21.97
C LEU B 201 1.12 19.89 -22.60
N TYR B 202 1.08 21.04 -21.87
CA TYR B 202 0.45 22.27 -22.37
C TYR B 202 1.20 22.71 -23.62
N SER B 203 2.57 22.66 -23.56
CA SER B 203 3.47 22.96 -24.70
C SER B 203 3.16 22.03 -25.88
N LEU B 204 2.95 20.72 -25.60
CA LEU B 204 2.60 19.70 -26.59
C LEU B 204 1.22 19.98 -27.18
N ILE B 205 0.25 20.39 -26.33
CA ILE B 205 -1.10 20.71 -26.80
C ILE B 205 -1.05 21.93 -27.75
N GLN B 206 -0.23 22.97 -27.39
CA GLN B 206 -0.01 24.20 -28.16
C GLN B 206 0.55 23.93 -29.58
N ARG B 207 1.44 22.92 -29.74
CA ARG B 207 2.01 22.56 -31.04
C ARG B 207 1.21 21.46 -31.71
N SER C 4 -3.12 7.27 -47.89
CA SER C 4 -3.53 5.91 -47.54
C SER C 4 -2.58 5.26 -46.53
N GLU C 5 -2.21 6.01 -45.47
CA GLU C 5 -1.30 5.52 -44.43
C GLU C 5 -1.97 4.52 -43.48
N LEU C 6 -1.15 3.62 -42.94
CA LEU C 6 -1.53 2.60 -41.98
C LEU C 6 -0.80 2.93 -40.66
N ARG C 7 -1.58 3.25 -39.61
CA ARG C 7 -1.03 3.62 -38.30
C ARG C 7 -1.02 2.43 -37.32
N ILE C 8 0.17 2.13 -36.75
CA ILE C 8 0.40 1.04 -35.79
C ILE C 8 0.93 1.58 -34.47
N ILE C 9 0.26 1.22 -33.36
CA ILE C 9 0.74 1.56 -32.02
C ILE C 9 1.35 0.29 -31.41
N LEU C 10 2.61 0.40 -30.89
CA LEU C 10 3.32 -0.69 -30.23
C LEU C 10 3.10 -0.60 -28.74
N VAL C 11 2.60 -1.68 -28.13
CA VAL C 11 2.34 -1.75 -26.69
C VAL C 11 2.88 -3.07 -26.14
N GLY C 12 3.40 -3.06 -24.92
CA GLY C 12 3.96 -4.25 -24.28
C GLY C 12 4.95 -3.97 -23.15
N LYS C 13 5.13 -4.97 -22.25
CA LYS C 13 6.04 -4.89 -21.09
C LYS C 13 7.49 -4.81 -21.55
N THR C 14 8.37 -4.37 -20.63
CA THR C 14 9.82 -4.29 -20.83
C THR C 14 10.37 -5.71 -21.06
N GLY C 15 11.14 -5.89 -22.14
CA GLY C 15 11.72 -7.19 -22.47
C GLY C 15 10.93 -8.05 -23.42
N THR C 16 10.05 -7.41 -24.21
CA THR C 16 9.25 -8.14 -25.20
C THR C 16 9.82 -7.93 -26.59
N GLY C 17 10.76 -7.00 -26.75
CA GLY C 17 11.35 -6.66 -28.03
C GLY C 17 10.50 -5.74 -28.88
N LYS C 18 9.73 -4.86 -28.22
CA LYS C 18 8.83 -3.86 -28.82
C LYS C 18 9.51 -2.98 -29.92
N SER C 19 10.47 -2.10 -29.51
CA SER C 19 11.20 -1.17 -30.38
C SER C 19 11.89 -1.88 -31.54
N ALA C 20 12.50 -3.07 -31.27
CA ALA C 20 13.18 -3.93 -32.26
C ALA C 20 12.22 -4.47 -33.31
N ALA C 21 10.97 -4.74 -32.89
CA ALA C 21 9.91 -5.22 -33.80
C ALA C 21 9.51 -4.09 -34.76
N GLY C 22 9.40 -2.85 -34.25
CA GLY C 22 9.10 -1.65 -35.02
C GLY C 22 10.17 -1.42 -36.08
N ASN C 23 11.45 -1.57 -35.68
CA ASN C 23 12.61 -1.43 -36.58
C ASN C 23 12.64 -2.52 -37.64
N SER C 24 12.15 -3.73 -37.31
CA SER C 24 12.07 -4.84 -38.25
C SER C 24 11.01 -4.56 -39.31
N ILE C 25 9.80 -4.14 -38.88
CA ILE C 25 8.67 -3.79 -39.76
C ILE C 25 9.06 -2.69 -40.74
N LEU C 26 9.68 -1.61 -40.25
CA LEU C 26 10.08 -0.49 -41.10
C LEU C 26 11.40 -0.72 -41.86
N ARG C 27 12.15 -1.78 -41.48
CA ARG C 27 13.44 -2.21 -42.03
C ARG C 27 14.47 -1.06 -41.93
N THR C 43 9.96 8.19 -23.98
CA THR C 43 8.96 8.94 -24.74
C THR C 43 8.44 8.19 -25.99
N CYS C 44 7.27 8.63 -26.48
CA CYS C 44 6.66 8.11 -27.69
C CYS C 44 7.45 8.62 -28.89
N SER C 45 7.64 7.76 -29.87
CA SER C 45 8.37 8.09 -31.10
C SER C 45 7.49 7.71 -32.27
N LYS C 46 7.58 8.44 -33.37
CA LYS C 46 6.82 8.13 -34.56
C LYS C 46 7.74 8.05 -35.75
N SER C 47 7.81 6.87 -36.37
CA SER C 47 8.62 6.66 -37.54
C SER C 47 7.77 6.15 -38.70
N GLN C 48 8.09 6.65 -39.90
CA GLN C 48 7.41 6.33 -41.14
C GLN C 48 8.30 5.46 -42.00
N GLY C 49 7.66 4.50 -42.65
CA GLY C 49 8.30 3.57 -43.58
C GLY C 49 7.28 3.12 -44.59
N SER C 50 7.64 2.16 -45.42
CA SER C 50 6.72 1.68 -46.45
C SER C 50 6.78 0.19 -46.61
N TRP C 51 5.69 -0.37 -47.16
CA TRP C 51 5.53 -1.78 -47.42
C TRP C 51 4.56 -1.93 -48.58
N ARG C 54 1.79 0.91 -49.70
CA ARG C 54 1.26 1.42 -48.42
C ARG C 54 2.34 2.12 -47.57
N GLU C 55 1.98 3.25 -46.95
CA GLU C 55 2.86 3.99 -46.04
C GLU C 55 2.55 3.51 -44.62
N ILE C 56 3.57 3.02 -43.92
CA ILE C 56 3.41 2.51 -42.56
C ILE C 56 3.95 3.52 -41.57
N VAL C 57 3.08 3.98 -40.65
CA VAL C 57 3.41 4.91 -39.59
C VAL C 57 3.35 4.11 -38.29
N ILE C 58 4.51 3.92 -37.63
CA ILE C 58 4.59 3.15 -36.38
C ILE C 58 4.82 4.12 -35.25
N ILE C 59 3.92 4.07 -34.25
CA ILE C 59 4.01 4.88 -33.05
C ILE C 59 4.43 3.97 -31.92
N ASP C 60 5.70 4.08 -31.47
CA ASP C 60 6.21 3.28 -30.35
C ASP C 60 5.81 3.97 -29.08
N THR C 61 5.49 3.20 -28.03
CA THR C 61 5.10 3.76 -26.74
C THR C 61 6.12 3.45 -25.62
N PRO C 62 6.20 4.24 -24.51
CA PRO C 62 7.15 3.90 -23.45
C PRO C 62 6.71 2.68 -22.63
N ASP C 63 7.70 1.94 -22.05
CA ASP C 63 7.52 0.73 -21.22
C ASP C 63 6.59 0.97 -20.04
N MET C 64 6.55 2.21 -19.52
CA MET C 64 5.72 2.66 -18.39
C MET C 64 4.21 2.49 -18.64
N PHE C 65 3.79 2.35 -19.92
CA PHE C 65 2.41 2.09 -20.28
C PHE C 65 2.01 0.71 -19.71
N SER C 66 2.95 -0.24 -19.62
CA SER C 66 2.71 -1.56 -19.05
C SER C 66 2.85 -1.59 -17.52
N TRP C 67 3.25 -0.46 -16.89
CA TRP C 67 3.48 -0.40 -15.44
C TRP C 67 2.20 -0.06 -14.64
N LYS C 68 2.24 -0.32 -13.32
CA LYS C 68 1.14 -0.09 -12.36
C LYS C 68 0.95 1.36 -11.94
N ASP C 69 2.02 2.16 -11.80
CA ASP C 69 1.95 3.55 -11.32
C ASP C 69 1.67 4.61 -12.40
N HIS C 70 1.43 5.86 -11.96
CA HIS C 70 1.12 7.04 -12.77
C HIS C 70 1.97 8.21 -12.37
N CYS C 71 2.27 9.08 -13.35
CA CYS C 71 3.05 10.30 -13.14
C CYS C 71 2.73 11.28 -14.27
N GLU C 72 3.23 12.52 -14.15
CA GLU C 72 3.07 13.60 -15.12
C GLU C 72 3.47 13.15 -16.53
N ALA C 73 4.66 12.51 -16.65
CA ALA C 73 5.23 11.99 -17.89
C ALA C 73 4.32 10.99 -18.55
N LEU C 74 3.66 10.11 -17.78
CA LEU C 74 2.75 9.13 -18.32
C LEU C 74 1.56 9.80 -18.99
N TYR C 75 0.94 10.80 -18.32
CA TYR C 75 -0.20 11.52 -18.86
C TYR C 75 0.19 12.27 -20.12
N LYS C 76 1.40 12.89 -20.10
CA LYS C 76 1.96 13.63 -21.23
C LYS C 76 2.18 12.68 -22.42
N GLU C 77 2.73 11.47 -22.16
CA GLU C 77 3.01 10.49 -23.21
C GLU C 77 1.74 9.84 -23.74
N VAL C 78 0.66 9.75 -22.92
CA VAL C 78 -0.65 9.23 -23.38
C VAL C 78 -1.18 10.23 -24.42
N GLN C 79 -1.11 11.53 -24.07
CA GLN C 79 -1.53 12.61 -24.95
C GLN C 79 -0.68 12.64 -26.22
N ARG C 80 0.66 12.46 -26.07
CA ARG C 80 1.61 12.38 -27.19
C ARG C 80 1.26 11.21 -28.12
N CYS C 81 0.91 10.03 -27.56
CA CYS C 81 0.55 8.84 -28.31
C CYS C 81 -0.69 9.11 -29.13
N TYR C 82 -1.71 9.69 -28.52
CA TYR C 82 -2.96 10.05 -29.15
C TYR C 82 -2.73 11.07 -30.26
N LEU C 83 -1.92 12.13 -30.00
CA LEU C 83 -1.56 13.15 -30.98
C LEU C 83 -0.78 12.58 -32.17
N LEU C 84 0.18 11.66 -31.91
CA LEU C 84 1.01 11.04 -32.95
C LEU C 84 0.25 10.00 -33.78
N SER C 85 -0.79 9.37 -33.19
CA SER C 85 -1.56 8.33 -33.85
C SER C 85 -2.92 8.83 -34.36
N ALA C 86 -3.25 10.12 -34.13
CA ALA C 86 -4.50 10.75 -34.58
C ALA C 86 -4.67 10.63 -36.11
N PRO C 87 -5.88 10.37 -36.66
CA PRO C 87 -7.20 10.24 -35.99
C PRO C 87 -7.49 8.89 -35.29
N GLY C 88 -6.50 8.01 -35.25
CA GLY C 88 -6.65 6.71 -34.61
C GLY C 88 -5.83 5.58 -35.20
N PRO C 89 -5.51 4.55 -34.39
CA PRO C 89 -4.70 3.44 -34.92
C PRO C 89 -5.49 2.42 -35.73
N HIS C 90 -4.92 1.93 -36.86
CA HIS C 90 -5.57 0.88 -37.65
C HIS C 90 -5.39 -0.45 -36.91
N VAL C 91 -4.25 -0.57 -36.22
CA VAL C 91 -3.90 -1.75 -35.44
C VAL C 91 -3.01 -1.38 -34.24
N LEU C 92 -3.27 -2.07 -33.11
CA LEU C 92 -2.49 -2.00 -31.88
C LEU C 92 -1.75 -3.35 -31.82
N LEU C 93 -0.39 -3.32 -31.81
CA LEU C 93 0.44 -4.52 -31.71
C LEU C 93 0.81 -4.72 -30.27
N LEU C 94 0.25 -5.75 -29.64
CA LEU C 94 0.58 -6.06 -28.26
C LEU C 94 1.73 -7.03 -28.33
N VAL C 95 2.94 -6.53 -28.06
CA VAL C 95 4.16 -7.31 -28.17
C VAL C 95 4.41 -8.07 -26.88
N THR C 96 4.54 -9.37 -27.00
CA THR C 96 4.79 -10.29 -25.88
C THR C 96 5.92 -11.28 -26.30
N GLN C 97 6.52 -11.98 -25.32
CA GLN C 97 7.55 -12.98 -25.56
C GLN C 97 6.96 -14.38 -25.82
N LEU C 98 7.39 -15.04 -26.93
CA LEU C 98 6.98 -16.41 -27.22
C LEU C 98 7.55 -17.29 -26.10
N GLY C 99 6.65 -17.93 -25.37
CA GLY C 99 7.00 -18.77 -24.23
C GLY C 99 6.81 -18.11 -22.86
N ARG C 100 6.74 -16.77 -22.80
CA ARG C 100 6.58 -16.07 -21.52
C ARG C 100 5.41 -15.07 -21.49
N TYR C 101 4.36 -15.45 -20.73
CA TYR C 101 3.21 -14.58 -20.53
C TYR C 101 2.92 -14.53 -19.03
N THR C 102 3.27 -13.41 -18.39
CA THR C 102 3.13 -13.25 -16.94
C THR C 102 2.11 -12.15 -16.59
N SER C 103 1.94 -11.88 -15.28
CA SER C 103 1.04 -10.84 -14.72
C SER C 103 1.37 -9.46 -15.29
N GLN C 104 2.68 -9.25 -15.66
CA GLN C 104 3.20 -8.01 -16.26
C GLN C 104 2.62 -7.83 -17.67
N ASP C 105 2.49 -8.94 -18.41
CA ASP C 105 1.90 -8.96 -19.76
C ASP C 105 0.38 -8.75 -19.63
N GLN C 106 -0.20 -9.34 -18.56
CA GLN C 106 -1.60 -9.21 -18.20
C GLN C 106 -1.91 -7.74 -17.88
N GLN C 107 -1.00 -7.04 -17.15
CA GLN C 107 -1.05 -5.60 -16.80
C GLN C 107 -0.97 -4.75 -18.08
N ALA C 108 -0.03 -5.05 -19.01
CA ALA C 108 0.14 -4.37 -20.31
C ALA C 108 -1.16 -4.45 -21.14
N ALA C 109 -1.81 -5.64 -21.20
CA ALA C 109 -3.09 -5.85 -21.94
C ALA C 109 -4.24 -5.07 -21.27
N GLN C 110 -4.21 -5.01 -19.91
CA GLN C 110 -5.19 -4.26 -19.15
C GLN C 110 -5.02 -2.77 -19.43
N ARG C 111 -3.76 -2.31 -19.42
CA ARG C 111 -3.40 -0.91 -19.65
C ARG C 111 -3.84 -0.38 -21.01
N VAL C 112 -3.74 -1.23 -22.05
CA VAL C 112 -4.17 -0.96 -23.42
C VAL C 112 -5.68 -0.63 -23.39
N LYS C 113 -6.48 -1.52 -22.73
CA LYS C 113 -7.93 -1.35 -22.55
C LYS C 113 -8.21 -0.06 -21.75
N GLU C 114 -7.36 0.29 -20.77
CA GLU C 114 -7.52 1.50 -19.98
C GLU C 114 -7.15 2.77 -20.76
N ILE C 115 -6.04 2.75 -21.53
CA ILE C 115 -5.61 3.93 -22.29
C ILE C 115 -6.53 4.19 -23.51
N PHE C 116 -6.89 3.13 -24.27
CA PHE C 116 -7.66 3.25 -25.51
C PHE C 116 -9.11 2.79 -25.48
N GLY C 117 -9.55 2.15 -24.41
CA GLY C 117 -10.91 1.64 -24.32
C GLY C 117 -11.00 0.14 -24.59
N GLU C 118 -11.99 -0.54 -23.98
CA GLU C 118 -12.20 -1.99 -24.12
C GLU C 118 -12.29 -2.43 -25.59
N ASP C 119 -12.91 -1.59 -26.44
CA ASP C 119 -13.10 -1.83 -27.87
C ASP C 119 -11.80 -1.91 -28.65
N ALA C 120 -10.69 -1.43 -28.09
CA ALA C 120 -9.35 -1.43 -28.73
C ALA C 120 -8.85 -2.84 -29.06
N MET C 121 -9.32 -3.87 -28.31
CA MET C 121 -8.95 -5.29 -28.52
C MET C 121 -9.39 -5.78 -29.91
N GLY C 122 -10.44 -5.15 -30.43
CA GLY C 122 -10.99 -5.38 -31.76
C GLY C 122 -10.03 -4.99 -32.86
N HIS C 123 -9.00 -4.18 -32.53
CA HIS C 123 -7.98 -3.71 -33.46
C HIS C 123 -6.58 -4.17 -33.02
N THR C 124 -6.53 -5.08 -32.04
CA THR C 124 -5.28 -5.61 -31.50
C THR C 124 -4.86 -6.95 -32.14
N ILE C 125 -3.56 -7.05 -32.43
CA ILE C 125 -2.87 -8.25 -32.92
C ILE C 125 -1.79 -8.55 -31.89
N VAL C 126 -1.70 -9.81 -31.44
CA VAL C 126 -0.69 -10.20 -30.45
C VAL C 126 0.56 -10.69 -31.18
N LEU C 127 1.69 -10.03 -30.88
CA LEU C 127 2.96 -10.37 -31.48
C LEU C 127 3.80 -11.18 -30.49
N PHE C 128 4.32 -12.34 -30.92
CA PHE C 128 5.13 -13.21 -30.08
C PHE C 128 6.59 -13.21 -30.53
N THR C 129 7.43 -12.44 -29.83
CA THR C 129 8.85 -12.35 -30.20
C THR C 129 9.65 -13.57 -29.68
N HIS C 130 10.70 -13.94 -30.44
CA HIS C 130 11.60 -15.07 -30.14
C HIS C 130 12.98 -14.86 -30.84
N LYS C 131 13.90 -15.84 -30.73
CA LYS C 131 15.25 -15.76 -31.35
C LYS C 131 15.74 -17.11 -31.93
N ASN C 135 9.45 -19.80 -35.59
CA ASN C 135 8.35 -20.13 -36.52
C ASN C 135 6.94 -19.93 -35.89
N GLY C 136 5.93 -19.74 -36.75
CA GLY C 136 4.52 -19.67 -36.38
C GLY C 136 4.01 -21.01 -35.84
N GLY C 137 4.70 -22.11 -36.22
CA GLY C 137 4.46 -23.46 -35.76
C GLY C 137 4.84 -23.59 -34.30
N SER C 138 6.00 -22.99 -33.90
CA SER C 138 6.51 -22.98 -32.52
C SER C 138 5.54 -22.23 -31.62
N LEU C 139 4.92 -21.17 -32.17
CA LEU C 139 3.90 -20.37 -31.52
C LEU C 139 2.64 -21.23 -31.26
N MET C 140 2.13 -21.91 -32.31
CA MET C 140 0.97 -22.82 -32.21
C MET C 140 1.23 -23.91 -31.15
N ASP C 141 2.47 -24.43 -31.15
CA ASP C 141 2.91 -25.45 -30.23
C ASP C 141 2.99 -24.93 -28.79
N TYR C 142 3.40 -23.65 -28.61
CA TYR C 142 3.44 -22.99 -27.29
C TYR C 142 1.99 -22.77 -26.81
N MET C 143 1.10 -22.26 -27.69
CA MET C 143 -0.32 -22.05 -27.38
C MET C 143 -1.01 -23.32 -26.87
N HIS C 144 -0.70 -24.50 -27.44
CA HIS C 144 -1.34 -25.73 -27.01
C HIS C 144 -0.70 -26.29 -25.73
N ASP C 145 0.64 -26.29 -25.61
CA ASP C 145 1.35 -26.83 -24.44
C ASP C 145 1.14 -25.98 -23.17
N SER C 146 0.95 -24.64 -23.34
CA SER C 146 0.68 -23.69 -22.26
C SER C 146 -0.72 -23.90 -21.68
N ASP C 147 -0.85 -23.95 -20.34
CA ASP C 147 -2.15 -24.07 -19.68
C ASP C 147 -2.43 -22.70 -19.02
N ASN C 148 -2.16 -21.62 -19.77
CA ASN C 148 -2.31 -20.24 -19.31
C ASN C 148 -3.68 -19.67 -19.68
N LYS C 149 -4.58 -19.60 -18.69
CA LYS C 149 -5.94 -19.09 -18.84
C LYS C 149 -5.96 -17.64 -19.34
N ALA C 150 -5.09 -16.79 -18.77
CA ALA C 150 -4.99 -15.38 -19.12
C ALA C 150 -4.57 -15.16 -20.58
N LEU C 151 -3.56 -15.92 -21.06
CA LEU C 151 -3.08 -15.81 -22.44
C LEU C 151 -4.14 -16.22 -23.47
N SER C 152 -4.84 -17.32 -23.18
CA SER C 152 -5.93 -17.89 -23.95
C SER C 152 -7.05 -16.85 -24.06
N LYS C 153 -7.37 -16.18 -22.93
CA LYS C 153 -8.38 -15.13 -22.84
C LYS C 153 -7.98 -13.92 -23.71
N LEU C 154 -6.68 -13.57 -23.76
CA LEU C 154 -6.17 -12.45 -24.57
C LEU C 154 -6.27 -12.76 -26.07
N VAL C 155 -5.79 -13.95 -26.49
CA VAL C 155 -5.81 -14.38 -27.88
C VAL C 155 -7.25 -14.45 -28.38
N ALA C 156 -8.17 -14.98 -27.55
CA ALA C 156 -9.60 -15.04 -27.90
C ALA C 156 -10.20 -13.64 -28.02
N ALA C 157 -9.78 -12.69 -27.14
CA ALA C 157 -10.22 -11.29 -27.15
C ALA C 157 -9.68 -10.54 -28.39
N CYS C 158 -8.55 -11.01 -28.95
CA CYS C 158 -7.92 -10.46 -30.15
C CYS C 158 -8.28 -11.29 -31.38
N GLY C 159 -9.39 -12.01 -31.31
CA GLY C 159 -9.93 -12.84 -32.40
C GLY C 159 -8.96 -13.84 -33.01
N GLY C 160 -8.01 -14.35 -32.20
CA GLY C 160 -7.02 -15.31 -32.67
C GLY C 160 -5.98 -14.68 -33.58
N ARG C 161 -5.91 -13.33 -33.62
CA ARG C 161 -4.95 -12.60 -34.44
C ARG C 161 -3.62 -12.57 -33.70
N ILE C 162 -2.78 -13.57 -34.00
CA ILE C 162 -1.46 -13.78 -33.41
C ILE C 162 -0.42 -13.91 -34.50
N CYS C 163 0.81 -13.50 -34.21
CA CYS C 163 1.91 -13.58 -35.15
C CYS C 163 3.23 -13.75 -34.40
N ALA C 164 4.06 -14.69 -34.83
CA ALA C 164 5.37 -14.91 -34.23
C ALA C 164 6.36 -13.98 -34.93
N PHE C 165 7.38 -13.53 -34.20
CA PHE C 165 8.35 -12.62 -34.78
C PHE C 165 9.72 -12.91 -34.21
N ASN C 166 10.73 -13.13 -35.08
CA ASN C 166 12.13 -13.30 -34.65
C ASN C 166 12.77 -11.93 -34.85
N ASN C 167 13.07 -11.20 -33.79
CA ASN C 167 13.63 -9.86 -33.98
C ASN C 167 15.09 -9.86 -34.54
N ARG C 168 15.73 -11.06 -34.64
CA ARG C 168 17.11 -11.22 -35.13
C ARG C 168 17.18 -11.70 -36.59
N ALA C 169 16.02 -11.93 -37.22
CA ALA C 169 15.93 -12.32 -38.65
C ALA C 169 16.43 -11.18 -39.56
N GLU C 170 17.20 -11.55 -40.58
CA GLU C 170 17.75 -10.57 -41.50
C GLU C 170 17.47 -10.95 -42.96
N GLY C 171 17.36 -9.94 -43.80
CA GLY C 171 17.15 -10.06 -45.24
C GLY C 171 15.85 -10.70 -45.66
N SER C 172 15.95 -11.86 -46.38
CA SER C 172 14.84 -12.64 -46.90
C SER C 172 13.89 -13.08 -45.79
N ASN C 173 14.45 -13.71 -44.73
CA ASN C 173 13.72 -14.19 -43.55
C ASN C 173 13.01 -13.04 -42.82
N GLN C 174 13.63 -11.84 -42.80
CA GLN C 174 13.08 -10.64 -42.19
C GLN C 174 11.86 -10.17 -43.01
N ASP C 175 11.99 -10.17 -44.37
CA ASP C 175 10.92 -9.79 -45.30
C ASP C 175 9.71 -10.73 -45.17
N ASP C 176 9.97 -12.04 -44.94
CA ASP C 176 8.94 -13.07 -44.78
C ASP C 176 8.09 -12.86 -43.52
N GLN C 177 8.72 -12.53 -42.37
CA GLN C 177 7.94 -12.33 -41.14
C GLN C 177 7.17 -11.02 -41.14
N VAL C 178 7.67 -9.99 -41.87
CA VAL C 178 6.95 -8.73 -42.03
C VAL C 178 5.73 -9.00 -42.91
N LYS C 179 5.91 -9.82 -43.98
CA LYS C 179 4.84 -10.23 -44.90
C LYS C 179 3.75 -10.97 -44.11
N GLU C 180 4.17 -11.88 -43.20
CA GLU C 180 3.26 -12.65 -42.34
C GLU C 180 2.43 -11.70 -41.46
N LEU C 181 3.08 -10.71 -40.84
CA LEU C 181 2.42 -9.70 -40.00
C LEU C 181 1.52 -8.77 -40.83
N MET C 182 2.02 -8.32 -42.01
CA MET C 182 1.24 -7.49 -42.94
C MET C 182 0.01 -8.23 -43.45
N ASP C 183 0.07 -9.58 -43.50
CA ASP C 183 -1.07 -10.40 -43.88
C ASP C 183 -2.13 -10.36 -42.76
N CYS C 184 -1.70 -10.44 -41.47
CA CYS C 184 -2.62 -10.36 -40.32
C CYS C 184 -3.31 -9.02 -40.34
N ILE C 185 -2.50 -7.93 -40.48
CA ILE C 185 -2.96 -6.54 -40.50
C ILE C 185 -4.01 -6.36 -41.60
N GLU C 186 -3.72 -6.82 -42.83
CA GLU C 186 -4.65 -6.72 -43.96
C GLU C 186 -5.96 -7.47 -43.71
N ASP C 187 -5.89 -8.63 -43.03
CA ASP C 187 -7.07 -9.42 -42.67
C ASP C 187 -7.99 -8.62 -41.72
N LEU C 188 -7.36 -7.98 -40.72
CA LEU C 188 -8.04 -7.13 -39.74
C LEU C 188 -8.68 -5.93 -40.46
N LEU C 189 -7.90 -5.27 -41.35
CA LEU C 189 -8.34 -4.12 -42.12
C LEU C 189 -9.53 -4.44 -43.00
N MET C 190 -9.52 -5.62 -43.66
CA MET C 190 -10.64 -6.08 -44.48
C MET C 190 -11.90 -6.22 -43.62
N GLU C 191 -11.76 -6.83 -42.41
CA GLU C 191 -12.83 -6.98 -41.43
C GLU C 191 -13.41 -5.63 -41.00
N LYS C 192 -12.54 -4.64 -40.74
CA LYS C 192 -12.93 -3.29 -40.31
C LYS C 192 -13.23 -2.34 -41.50
N ASN C 193 -13.23 -2.89 -42.74
CA ASN C 193 -13.49 -2.17 -43.99
C ASN C 193 -12.53 -0.98 -44.17
N GLY C 194 -11.28 -1.21 -43.79
CA GLY C 194 -10.18 -0.25 -43.86
C GLY C 194 -10.18 0.85 -42.82
N ASP C 195 -11.19 0.82 -41.92
CA ASP C 195 -11.35 1.84 -40.88
C ASP C 195 -10.38 1.68 -39.71
N HIS C 196 -9.86 2.81 -39.25
CA HIS C 196 -8.99 2.86 -38.10
C HIS C 196 -9.88 2.88 -36.87
N TYR C 197 -9.31 2.52 -35.73
CA TYR C 197 -9.99 2.55 -34.45
C TYR C 197 -10.07 4.00 -34.01
N THR C 198 -11.18 4.36 -33.38
CA THR C 198 -11.40 5.69 -32.83
C THR C 198 -12.22 5.55 -31.51
N ASN C 199 -12.15 6.60 -30.67
CA ASN C 199 -12.84 6.72 -29.40
C ASN C 199 -13.10 8.18 -29.13
N GLY C 200 -13.77 8.48 -28.02
CA GLY C 200 -14.09 9.84 -27.58
C GLY C 200 -12.88 10.77 -27.46
N LEU C 201 -11.72 10.23 -27.06
CA LEU C 201 -10.53 11.03 -26.94
C LEU C 201 -10.05 11.46 -28.34
N TYR C 202 -9.92 10.51 -29.29
CA TYR C 202 -9.59 10.80 -30.69
C TYR C 202 -10.60 11.75 -31.31
N SER C 203 -11.88 11.69 -30.88
CA SER C 203 -12.93 12.61 -31.36
C SER C 203 -12.69 14.03 -30.83
N LEU C 204 -12.32 14.18 -29.52
CA LEU C 204 -12.04 15.48 -28.87
C LEU C 204 -10.82 16.18 -29.49
N ILE C 205 -9.76 15.42 -29.84
CA ILE C 205 -8.56 15.93 -30.51
C ILE C 205 -8.89 16.44 -31.93
N GLN C 206 -9.82 15.76 -32.63
CA GLN C 206 -10.25 16.13 -33.97
C GLN C 206 -10.99 17.45 -33.92
N ARG C 207 -11.96 17.59 -32.98
CA ARG C 207 -12.74 18.83 -32.78
C ARG C 207 -11.86 20.01 -32.33
N SER C 208 -10.73 19.69 -31.65
CA SER C 208 -9.73 20.65 -31.15
C SER C 208 -8.93 21.26 -32.32
N LYS C 209 -8.63 20.45 -33.35
CA LYS C 209 -7.88 20.85 -34.54
C LYS C 209 -8.81 21.26 -35.67
N SER D 4 11.61 17.21 29.23
CA SER D 4 11.86 16.28 30.32
C SER D 4 10.58 15.47 30.64
N GLU D 5 9.94 14.90 29.59
CA GLU D 5 8.70 14.15 29.79
C GLU D 5 8.91 12.78 30.46
N LEU D 6 7.88 12.34 31.19
CA LEU D 6 7.82 11.06 31.90
C LEU D 6 6.73 10.23 31.22
N ARG D 7 7.14 9.12 30.60
CA ARG D 7 6.23 8.23 29.87
C ARG D 7 5.80 7.03 30.70
N ILE D 8 4.46 6.83 30.81
CA ILE D 8 3.85 5.73 31.56
C ILE D 8 2.96 4.88 30.66
N ILE D 9 3.23 3.55 30.60
CA ILE D 9 2.37 2.62 29.88
C ILE D 9 1.45 1.92 30.91
N LEU D 10 0.12 1.94 30.65
CA LEU D 10 -0.87 1.28 31.49
C LEU D 10 -1.18 -0.10 30.96
N VAL D 11 -0.97 -1.13 31.78
CA VAL D 11 -1.24 -2.51 31.42
C VAL D 11 -2.06 -3.16 32.52
N GLY D 12 -2.97 -4.01 32.14
CA GLY D 12 -3.83 -4.73 33.05
C GLY D 12 -5.04 -5.35 32.37
N LYS D 13 -5.63 -6.36 33.05
CA LYS D 13 -6.83 -7.05 32.64
C LYS D 13 -8.03 -6.13 32.68
N THR D 14 -9.10 -6.55 32.02
CA THR D 14 -10.39 -5.86 31.97
C THR D 14 -10.98 -5.73 33.39
N GLY D 15 -11.43 -4.53 33.73
CA GLY D 15 -12.09 -4.30 35.02
C GLY D 15 -11.24 -3.81 36.17
N THR D 16 -9.92 -3.63 35.95
CA THR D 16 -9.03 -3.15 37.00
C THR D 16 -9.12 -1.63 37.16
N GLY D 17 -9.80 -0.94 36.25
CA GLY D 17 -9.93 0.51 36.33
C GLY D 17 -8.66 1.19 35.85
N LYS D 18 -8.02 0.56 34.87
CA LYS D 18 -6.80 1.01 34.21
C LYS D 18 -6.97 2.45 33.64
N SER D 19 -8.00 2.71 32.81
CA SER D 19 -8.27 4.04 32.21
C SER D 19 -8.57 5.12 33.25
N ALA D 20 -9.31 4.76 34.34
CA ALA D 20 -9.67 5.63 35.47
C ALA D 20 -8.42 6.04 36.27
N ALA D 21 -7.40 5.16 36.33
CA ALA D 21 -6.18 5.48 37.05
C ALA D 21 -5.39 6.53 36.28
N GLY D 22 -5.35 6.36 34.95
CA GLY D 22 -4.72 7.30 34.03
C GLY D 22 -5.34 8.69 34.15
N ASN D 23 -6.68 8.73 34.23
CA ASN D 23 -7.45 9.97 34.41
C ASN D 23 -7.20 10.61 35.77
N SER D 24 -6.94 9.78 36.80
CA SER D 24 -6.64 10.29 38.15
C SER D 24 -5.25 10.95 38.16
N ILE D 25 -4.22 10.26 37.56
CA ILE D 25 -2.84 10.76 37.47
C ILE D 25 -2.81 12.09 36.72
N LEU D 26 -3.51 12.18 35.56
CA LEU D 26 -3.51 13.41 34.75
C LEU D 26 -4.50 14.46 35.25
N ARG D 27 -5.39 14.08 36.20
CA ARG D 27 -6.45 14.91 36.80
C ARG D 27 -7.33 15.53 35.70
N LYS D 28 -7.86 14.68 34.79
CA LYS D 28 -8.70 15.04 33.64
C LYS D 28 -9.31 13.79 33.00
N GLN D 29 -10.41 13.91 32.24
CA GLN D 29 -11.01 12.74 31.56
C GLN D 29 -10.26 12.46 30.24
N ALA D 30 -8.99 12.07 30.40
CA ALA D 30 -8.02 11.76 29.35
C ALA D 30 -8.42 10.52 28.56
N PHE D 31 -8.96 9.51 29.26
CA PHE D 31 -9.37 8.24 28.69
C PHE D 31 -10.80 7.90 29.07
N GLU D 32 -11.46 7.17 28.14
CA GLU D 32 -12.83 6.68 28.28
C GLU D 32 -12.85 5.61 29.41
N SER D 33 -13.55 5.92 30.51
CA SER D 33 -13.71 5.07 31.70
C SER D 33 -15.07 5.26 32.40
N THR D 39 -17.08 -0.21 29.03
CA THR D 39 -16.71 -0.92 27.79
C THR D 39 -15.24 -1.35 27.80
N LEU D 40 -14.85 -2.13 26.77
CA LEU D 40 -13.48 -2.58 26.58
C LEU D 40 -12.68 -1.48 25.94
N THR D 41 -11.39 -1.45 26.25
CA THR D 41 -10.42 -0.58 25.58
C THR D 41 -9.93 -1.45 24.40
N LYS D 42 -10.17 -0.99 23.19
CA LYS D 42 -9.83 -1.77 22.00
C LYS D 42 -8.53 -1.32 21.32
N THR D 43 -8.15 -0.04 21.48
CA THR D 43 -6.93 0.50 20.89
C THR D 43 -6.09 1.23 21.94
N CYS D 44 -4.84 1.56 21.58
CA CYS D 44 -3.93 2.36 22.42
C CYS D 44 -4.34 3.80 22.30
N SER D 45 -4.29 4.52 23.41
CA SER D 45 -4.56 5.96 23.47
C SER D 45 -3.39 6.61 24.19
N LYS D 46 -3.14 7.89 23.88
CA LYS D 46 -2.08 8.66 24.49
C LYS D 46 -2.68 9.99 24.99
N SER D 47 -2.41 10.33 26.26
CA SER D 47 -2.84 11.61 26.81
C SER D 47 -1.70 12.21 27.58
N GLN D 48 -1.57 13.54 27.48
CA GLN D 48 -0.53 14.34 28.10
C GLN D 48 -1.15 15.20 29.20
N GLY D 49 -0.41 15.37 30.27
CA GLY D 49 -0.78 16.22 31.42
C GLY D 49 0.47 16.63 32.14
N SER D 50 0.33 17.19 33.36
CA SER D 50 1.51 17.59 34.14
C SER D 50 1.38 17.25 35.61
N TRP D 51 2.51 17.18 36.30
CA TRP D 51 2.64 16.94 37.74
C TRP D 51 3.93 17.59 38.15
N GLY D 52 3.83 18.58 39.00
CA GLY D 52 5.02 19.34 39.36
C GLY D 52 5.56 20.02 38.12
N ASN D 53 6.90 19.98 37.92
CA ASN D 53 7.56 20.63 36.79
C ASN D 53 7.81 19.65 35.67
N ARG D 54 7.14 18.52 35.73
CA ARG D 54 7.27 17.40 34.82
C ARG D 54 6.03 17.24 33.93
N GLU D 55 6.25 16.94 32.64
CA GLU D 55 5.18 16.61 31.69
C GLU D 55 4.95 15.10 31.73
N ILE D 56 3.70 14.68 31.98
CA ILE D 56 3.37 13.26 32.09
C ILE D 56 2.62 12.82 30.87
N VAL D 57 3.17 11.81 30.20
CA VAL D 57 2.60 11.22 29.00
C VAL D 57 2.15 9.81 29.37
N ILE D 58 0.85 9.51 29.12
CA ILE D 58 0.30 8.21 29.48
C ILE D 58 -0.22 7.52 28.25
N ILE D 59 0.24 6.26 28.06
CA ILE D 59 -0.18 5.39 26.98
C ILE D 59 -1.06 4.27 27.57
N ASP D 60 -2.36 4.32 27.29
CA ASP D 60 -3.34 3.32 27.73
C ASP D 60 -3.30 2.22 26.66
N THR D 61 -3.31 0.95 27.08
CA THR D 61 -3.25 -0.19 26.14
C THR D 61 -4.59 -0.98 26.07
N PRO D 62 -4.85 -1.78 25.00
CA PRO D 62 -6.12 -2.54 24.97
C PRO D 62 -6.21 -3.63 26.02
N ASP D 63 -7.43 -4.04 26.34
CA ASP D 63 -7.65 -5.13 27.29
C ASP D 63 -7.09 -6.45 26.74
N MET D 64 -7.06 -6.63 25.38
CA MET D 64 -6.56 -7.82 24.69
C MET D 64 -5.07 -8.11 24.96
N PHE D 65 -4.31 -7.10 25.45
CA PHE D 65 -2.91 -7.29 25.85
C PHE D 65 -2.87 -8.26 27.03
N SER D 66 -3.91 -8.28 27.87
CA SER D 66 -3.98 -9.21 28.99
C SER D 66 -4.59 -10.56 28.60
N TRP D 67 -5.04 -10.74 27.33
CA TRP D 67 -5.69 -11.98 26.89
C TRP D 67 -4.68 -13.01 26.39
N LYS D 68 -5.11 -14.27 26.23
CA LYS D 68 -4.24 -15.40 25.87
C LYS D 68 -3.80 -15.45 24.40
N ASP D 69 -4.68 -15.09 23.48
CA ASP D 69 -4.46 -15.25 22.05
C ASP D 69 -3.75 -14.09 21.36
N HIS D 70 -3.46 -14.29 20.06
CA HIS D 70 -2.80 -13.36 19.13
C HIS D 70 -3.57 -13.27 17.85
N CYS D 71 -3.57 -12.08 17.26
CA CYS D 71 -4.23 -11.79 16.00
C CYS D 71 -3.60 -10.57 15.36
N GLU D 72 -3.97 -10.27 14.12
CA GLU D 72 -3.51 -9.13 13.34
C GLU D 72 -3.65 -7.81 14.14
N ALA D 73 -4.82 -7.58 14.75
CA ALA D 73 -5.12 -6.39 15.56
C ALA D 73 -4.18 -6.23 16.74
N LEU D 74 -3.82 -7.34 17.39
CA LEU D 74 -2.91 -7.29 18.50
C LEU D 74 -1.55 -6.80 18.05
N TYR D 75 -1.01 -7.33 16.91
CA TYR D 75 0.29 -6.92 16.36
C TYR D 75 0.27 -5.46 15.95
N LYS D 76 -0.88 -5.00 15.39
CA LYS D 76 -1.09 -3.60 15.01
C LYS D 76 -1.07 -2.70 16.28
N GLU D 77 -1.75 -3.13 17.36
CA GLU D 77 -1.79 -2.36 18.58
C GLU D 77 -0.46 -2.38 19.36
N VAL D 78 0.35 -3.43 19.18
CA VAL D 78 1.68 -3.51 19.80
C VAL D 78 2.52 -2.42 19.13
N GLN D 79 2.46 -2.34 17.80
CA GLN D 79 3.13 -1.31 17.00
C GLN D 79 2.71 0.10 17.43
N ARG D 80 1.38 0.35 17.63
CA ARG D 80 0.92 1.67 18.04
C ARG D 80 1.44 2.00 19.43
N CYS D 81 1.41 1.02 20.34
CA CYS D 81 1.89 1.21 21.70
C CYS D 81 3.32 1.67 21.68
N TYR D 82 4.16 0.96 20.90
CA TYR D 82 5.56 1.24 20.74
C TYR D 82 5.78 2.63 20.14
N LEU D 83 5.02 2.98 19.09
CA LEU D 83 5.07 4.30 18.44
C LEU D 83 4.66 5.43 19.40
N LEU D 84 3.59 5.23 20.17
CA LEU D 84 3.08 6.23 21.12
C LEU D 84 3.97 6.41 22.35
N SER D 85 4.71 5.37 22.77
CA SER D 85 5.56 5.38 23.96
C SER D 85 7.05 5.52 23.64
N ALA D 86 7.40 5.61 22.35
CA ALA D 86 8.78 5.78 21.88
C ALA D 86 9.41 7.06 22.46
N PRO D 87 10.71 7.06 22.85
CA PRO D 87 11.74 6.00 22.74
C PRO D 87 11.69 4.90 23.81
N GLY D 88 10.66 4.94 24.66
CA GLY D 88 10.47 3.94 25.71
C GLY D 88 9.82 4.43 26.97
N PRO D 89 9.17 3.54 27.76
CA PRO D 89 8.53 4.03 29.00
C PRO D 89 9.53 4.19 30.15
N HIS D 90 9.28 5.17 31.00
CA HIS D 90 10.06 5.32 32.22
C HIS D 90 9.50 4.31 33.22
N VAL D 91 8.16 4.07 33.12
CA VAL D 91 7.43 3.17 34.02
C VAL D 91 6.27 2.49 33.32
N LEU D 92 6.06 1.24 33.70
CA LEU D 92 4.94 0.40 33.26
C LEU D 92 4.11 0.15 34.51
N LEU D 93 2.86 0.63 34.46
CA LEU D 93 1.95 0.47 35.60
C LEU D 93 1.10 -0.74 35.34
N LEU D 94 1.33 -1.79 36.13
CA LEU D 94 0.51 -2.99 36.00
C LEU D 94 -0.65 -2.78 36.98
N VAL D 95 -1.82 -2.45 36.43
CA VAL D 95 -3.00 -2.14 37.20
C VAL D 95 -3.74 -3.39 37.54
N THR D 96 -3.93 -3.61 38.83
CA THR D 96 -4.62 -4.77 39.37
C THR D 96 -5.64 -4.28 40.43
N GLN D 97 -6.71 -5.04 40.65
CA GLN D 97 -7.75 -4.71 41.63
C GLN D 97 -7.42 -5.30 43.04
N LEU D 98 -7.16 -4.44 44.06
CA LEU D 98 -6.85 -4.79 45.45
C LEU D 98 -7.88 -5.82 45.91
N GLY D 99 -7.40 -7.02 46.22
CA GLY D 99 -8.20 -8.17 46.65
C GLY D 99 -8.66 -9.11 45.55
N ARG D 100 -8.28 -8.87 44.28
CA ARG D 100 -8.74 -9.73 43.19
C ARG D 100 -7.65 -10.08 42.13
N TYR D 101 -6.51 -10.64 42.58
CA TYR D 101 -5.40 -11.04 41.71
C TYR D 101 -5.63 -12.49 41.22
N THR D 102 -6.02 -12.64 39.94
CA THR D 102 -6.33 -13.94 39.35
C THR D 102 -5.35 -14.32 38.22
N SER D 103 -5.60 -15.47 37.54
CA SER D 103 -4.82 -16.00 36.41
C SER D 103 -4.76 -15.00 35.25
N GLN D 104 -5.81 -14.16 35.14
CA GLN D 104 -5.93 -13.12 34.12
C GLN D 104 -4.92 -11.99 34.41
N ASP D 105 -4.70 -11.68 35.71
CA ASP D 105 -3.72 -10.68 36.13
C ASP D 105 -2.30 -11.25 35.92
N GLN D 106 -2.13 -12.57 36.23
CA GLN D 106 -0.88 -13.29 36.00
C GLN D 106 -0.54 -13.23 34.49
N GLN D 107 -1.55 -13.48 33.61
CA GLN D 107 -1.43 -13.42 32.16
C GLN D 107 -1.02 -12.00 31.70
N ALA D 108 -1.66 -10.96 32.24
CA ALA D 108 -1.33 -9.56 31.93
C ALA D 108 0.15 -9.25 32.26
N ALA D 109 0.62 -9.74 33.44
CA ALA D 109 2.00 -9.60 33.91
C ALA D 109 2.94 -10.31 32.91
N GLN D 110 2.59 -11.55 32.55
CA GLN D 110 3.33 -12.36 31.58
C GLN D 110 3.45 -11.65 30.21
N ARG D 111 2.35 -10.99 29.76
CA ARG D 111 2.34 -10.22 28.51
C ARG D 111 3.20 -8.97 28.55
N VAL D 112 3.40 -8.37 29.73
CA VAL D 112 4.35 -7.24 29.86
C VAL D 112 5.74 -7.78 29.45
N LYS D 113 6.11 -8.97 29.96
CA LYS D 113 7.38 -9.63 29.67
C LYS D 113 7.49 -10.05 28.19
N GLU D 114 6.41 -10.55 27.61
CA GLU D 114 6.42 -10.97 26.21
C GLU D 114 6.38 -9.79 25.24
N ILE D 115 5.58 -8.73 25.52
CA ILE D 115 5.50 -7.57 24.62
C ILE D 115 6.75 -6.67 24.72
N PHE D 116 7.21 -6.41 25.95
CA PHE D 116 8.33 -5.49 26.18
C PHE D 116 9.68 -6.10 26.58
N GLY D 117 9.74 -7.40 26.88
CA GLY D 117 10.98 -8.06 27.30
C GLY D 117 11.02 -8.33 28.79
N GLU D 118 11.72 -9.41 29.21
CA GLU D 118 11.85 -9.84 30.61
C GLU D 118 12.30 -8.69 31.53
N ASP D 119 13.28 -7.89 31.06
CA ASP D 119 13.83 -6.76 31.79
C ASP D 119 12.80 -5.67 32.06
N ALA D 120 11.64 -5.67 31.38
CA ALA D 120 10.60 -4.66 31.55
C ALA D 120 10.08 -4.60 33.00
N MET D 121 10.08 -5.75 33.73
CA MET D 121 9.65 -5.85 35.15
C MET D 121 10.44 -4.91 36.05
N GLY D 122 11.68 -4.63 35.64
CA GLY D 122 12.61 -3.71 36.27
C GLY D 122 12.14 -2.26 36.24
N HIS D 123 11.14 -1.95 35.38
CA HIS D 123 10.53 -0.62 35.25
C HIS D 123 9.02 -0.68 35.57
N THR D 124 8.54 -1.82 36.11
CA THR D 124 7.15 -2.04 36.45
C THR D 124 6.84 -1.77 37.94
N ILE D 125 5.70 -1.08 38.16
CA ILE D 125 5.14 -0.77 39.47
C ILE D 125 3.73 -1.38 39.45
N VAL D 126 3.36 -2.09 40.53
CA VAL D 126 2.06 -2.71 40.63
C VAL D 126 1.11 -1.76 41.30
N LEU D 127 0.02 -1.43 40.62
CA LEU D 127 -0.99 -0.51 41.14
C LEU D 127 -2.19 -1.32 41.62
N PHE D 128 -2.62 -1.08 42.86
CA PHE D 128 -3.75 -1.80 43.46
C PHE D 128 -4.96 -0.88 43.60
N THR D 129 -5.93 -1.00 42.67
CA THR D 129 -7.13 -0.16 42.73
C THR D 129 -8.15 -0.71 43.71
N HIS D 130 -8.90 0.19 44.37
CA HIS D 130 -9.92 -0.12 45.38
C HIS D 130 -10.98 0.99 45.45
N SER D 138 -2.43 0.96 55.26
CA SER D 138 -3.65 0.17 55.04
C SER D 138 -3.45 -0.83 53.90
N LEU D 139 -2.64 -0.46 52.88
CA LEU D 139 -2.31 -1.32 51.73
C LEU D 139 -1.38 -2.47 52.16
N MET D 140 -0.39 -2.17 53.03
CA MET D 140 0.54 -3.15 53.60
C MET D 140 -0.25 -4.15 54.45
N ASP D 141 -1.32 -3.67 55.12
CA ASP D 141 -2.24 -4.45 55.95
C ASP D 141 -3.02 -5.45 55.09
N TYR D 142 -3.50 -5.02 53.90
CA TYR D 142 -4.20 -5.89 52.96
C TYR D 142 -3.19 -6.86 52.29
N MET D 143 -1.91 -6.40 52.14
CA MET D 143 -0.82 -7.17 51.56
C MET D 143 -0.44 -8.34 52.46
N HIS D 144 -0.31 -8.08 53.78
CA HIS D 144 0.04 -9.03 54.83
C HIS D 144 -1.11 -10.01 55.05
N ASP D 145 -2.36 -9.57 54.77
CA ASP D 145 -3.54 -10.43 54.91
C ASP D 145 -3.67 -11.40 53.71
N SER D 146 -3.09 -11.02 52.54
CA SER D 146 -3.11 -11.82 51.30
C SER D 146 -2.28 -13.11 51.44
N ASP D 147 -2.85 -14.24 50.98
CA ASP D 147 -2.17 -15.53 50.97
C ASP D 147 -1.95 -16.02 49.53
N ASN D 148 -1.92 -15.10 48.53
CA ASN D 148 -1.73 -15.41 47.11
C ASN D 148 -0.23 -15.46 46.72
N LYS D 149 0.32 -16.69 46.51
CA LYS D 149 1.73 -16.93 46.16
C LYS D 149 2.15 -16.28 44.83
N ALA D 150 1.24 -16.29 43.82
CA ALA D 150 1.46 -15.70 42.50
C ALA D 150 1.68 -14.18 42.58
N LEU D 151 0.86 -13.50 43.40
CA LEU D 151 0.93 -12.06 43.63
C LEU D 151 2.26 -11.65 44.29
N SER D 152 2.70 -12.41 45.30
CA SER D 152 3.96 -12.16 45.99
C SER D 152 5.11 -12.33 44.99
N LYS D 153 5.01 -13.34 44.11
CA LYS D 153 6.01 -13.59 43.08
C LYS D 153 6.12 -12.38 42.11
N LEU D 154 4.98 -11.74 41.79
CA LEU D 154 4.93 -10.54 40.94
C LEU D 154 5.53 -9.31 41.64
N VAL D 155 5.14 -9.09 42.90
CA VAL D 155 5.62 -7.97 43.72
C VAL D 155 7.15 -8.11 43.90
N ALA D 156 7.65 -9.33 44.14
CA ALA D 156 9.10 -9.59 44.27
C ALA D 156 9.81 -9.31 42.93
N ALA D 157 9.16 -9.65 41.79
CA ALA D 157 9.70 -9.39 40.44
C ALA D 157 9.73 -7.87 40.11
N CYS D 158 8.83 -7.11 40.75
CA CYS D 158 8.72 -5.66 40.60
C CYS D 158 9.43 -4.93 41.76
N GLY D 159 10.38 -5.60 42.41
CA GLY D 159 11.18 -5.07 43.51
C GLY D 159 10.42 -4.46 44.67
N GLY D 160 9.22 -5.00 44.94
CA GLY D 160 8.36 -4.50 46.01
C GLY D 160 7.72 -3.15 45.71
N ARG D 161 7.78 -2.70 44.43
CA ARG D 161 7.23 -1.44 44.00
C ARG D 161 5.73 -1.61 43.80
N ILE D 162 4.97 -1.28 44.86
CA ILE D 162 3.51 -1.38 44.92
C ILE D 162 2.92 -0.08 45.38
N CYS D 163 1.70 0.22 44.94
CA CYS D 163 0.99 1.43 45.30
C CYS D 163 -0.52 1.21 45.24
N ALA D 164 -1.25 1.64 46.26
CA ALA D 164 -2.70 1.51 46.31
C ALA D 164 -3.32 2.74 45.64
N PHE D 165 -4.52 2.60 45.05
CA PHE D 165 -5.20 3.71 44.36
C PHE D 165 -6.71 3.60 44.46
N ASN D 166 -7.35 4.73 44.72
CA ASN D 166 -8.80 4.82 44.74
C ASN D 166 -9.15 5.68 43.56
N ASN D 167 -9.78 5.10 42.54
CA ASN D 167 -10.09 5.86 41.32
C ASN D 167 -11.30 6.79 41.48
N ARG D 168 -12.03 6.66 42.59
CA ARG D 168 -13.16 7.50 42.90
C ARG D 168 -12.73 8.72 43.76
N ALA D 169 -11.47 8.71 44.29
CA ALA D 169 -10.88 9.78 45.12
C ALA D 169 -10.86 11.12 44.41
N GLU D 170 -11.25 12.18 45.11
CA GLU D 170 -11.30 13.51 44.53
C GLU D 170 -10.59 14.52 45.40
N GLY D 171 -10.09 15.57 44.74
CA GLY D 171 -9.42 16.71 45.36
C GLY D 171 -8.13 16.39 46.09
N SER D 172 -8.12 16.69 47.41
CA SER D 172 -6.97 16.51 48.31
C SER D 172 -6.52 15.04 48.35
N ASN D 173 -7.48 14.11 48.59
CA ASN D 173 -7.24 12.65 48.63
C ASN D 173 -6.72 12.12 47.28
N GLN D 174 -7.18 12.72 46.16
CA GLN D 174 -6.74 12.39 44.81
C GLN D 174 -5.29 12.83 44.62
N ASP D 175 -4.95 14.06 45.06
CA ASP D 175 -3.60 14.62 44.99
C ASP D 175 -2.61 13.79 45.81
N ASP D 176 -3.06 13.26 46.98
CA ASP D 176 -2.26 12.43 47.88
C ASP D 176 -1.87 11.10 47.26
N GLN D 177 -2.81 10.41 46.59
CA GLN D 177 -2.50 9.11 45.98
C GLN D 177 -1.62 9.24 44.74
N VAL D 178 -1.73 10.38 44.01
CA VAL D 178 -0.88 10.65 42.86
C VAL D 178 0.52 10.94 43.39
N LYS D 179 0.64 11.70 44.50
CA LYS D 179 1.90 12.01 45.19
C LYS D 179 2.57 10.69 45.66
N GLU D 180 1.78 9.76 46.21
CA GLU D 180 2.25 8.44 46.65
C GLU D 180 2.86 7.67 45.48
N LEU D 181 2.15 7.65 44.34
CA LEU D 181 2.58 7.00 43.11
C LEU D 181 3.78 7.70 42.50
N MET D 182 3.77 9.04 42.45
CA MET D 182 4.89 9.86 41.96
C MET D 182 6.13 9.64 42.81
N ASP D 183 5.96 9.30 44.11
CA ASP D 183 7.08 8.98 44.98
C ASP D 183 7.70 7.63 44.55
N CYS D 184 6.85 6.62 44.24
CA CYS D 184 7.32 5.31 43.77
C CYS D 184 8.09 5.51 42.49
N ILE D 185 7.47 6.22 41.51
CA ILE D 185 8.05 6.51 40.19
C ILE D 185 9.42 7.18 40.36
N GLU D 186 9.53 8.23 41.18
CA GLU D 186 10.78 8.96 41.42
C GLU D 186 11.86 8.06 42.02
N ASP D 187 11.47 7.14 42.92
CA ASP D 187 12.38 6.17 43.54
C ASP D 187 12.97 5.24 42.48
N LEU D 188 12.10 4.74 41.57
CA LEU D 188 12.47 3.88 40.46
C LEU D 188 13.41 4.64 39.53
N LEU D 189 13.04 5.90 39.18
CA LEU D 189 13.82 6.76 38.29
C LEU D 189 15.20 7.04 38.82
N MET D 190 15.32 7.28 40.14
CA MET D 190 16.59 7.51 40.80
C MET D 190 17.46 6.26 40.64
N GLU D 191 16.88 5.06 40.88
CA GLU D 191 17.55 3.76 40.75
C GLU D 191 18.02 3.55 39.29
N LYS D 192 17.17 3.98 38.33
CA LYS D 192 17.42 3.85 36.89
C LYS D 192 18.27 5.01 36.31
N ASN D 193 18.66 5.98 37.18
CA ASN D 193 19.42 7.19 36.86
C ASN D 193 18.68 8.05 35.79
N GLY D 194 17.36 8.12 35.94
CA GLY D 194 16.45 8.87 35.08
C GLY D 194 16.18 8.28 33.71
N ASP D 195 16.77 7.10 33.42
CA ASP D 195 16.64 6.40 32.14
C ASP D 195 15.31 5.71 31.97
N HIS D 196 14.77 5.82 30.76
CA HIS D 196 13.55 5.14 30.39
C HIS D 196 13.95 3.72 29.97
N TYR D 197 13.00 2.81 30.00
CA TYR D 197 13.22 1.45 29.54
C TYR D 197 13.24 1.43 28.00
N THR D 198 14.13 0.63 27.42
CA THR D 198 14.24 0.50 25.97
C THR D 198 14.52 -0.96 25.59
N ASN D 199 14.40 -1.27 24.31
CA ASN D 199 14.67 -2.59 23.74
C ASN D 199 14.92 -2.42 22.24
N GLY D 200 15.23 -3.52 21.53
CA GLY D 200 15.46 -3.53 20.09
C GLY D 200 14.27 -3.13 19.23
N LEU D 201 13.05 -3.35 19.74
CA LEU D 201 11.83 -2.96 19.01
C LEU D 201 11.60 -1.42 19.07
N TYR D 202 11.86 -0.78 20.23
CA TYR D 202 11.78 0.69 20.34
C TYR D 202 12.81 1.33 19.38
N SER D 203 14.02 0.73 19.30
CA SER D 203 15.08 1.16 18.40
C SER D 203 14.64 1.04 16.93
N LEU D 204 13.97 -0.07 16.58
CA LEU D 204 13.47 -0.34 15.23
C LEU D 204 12.38 0.66 14.82
N ILE D 205 11.43 0.97 15.75
CA ILE D 205 10.36 1.95 15.58
C ILE D 205 10.99 3.32 15.34
N GLN D 206 11.98 3.70 16.20
CA GLN D 206 12.67 4.98 16.14
C GLN D 206 13.33 5.26 14.80
N ARG D 207 13.79 4.20 14.08
CA ARG D 207 14.45 4.40 12.80
C ARG D 207 13.56 4.03 11.60
N SER D 208 12.32 3.54 11.85
CA SER D 208 11.36 3.11 10.82
C SER D 208 10.83 4.27 9.97
#